data_1I7R
#
_entry.id   1I7R
#
_cell.length_a   50.860
_cell.length_b   63.820
_cell.length_c   75.870
_cell.angle_alpha   82.09
_cell.angle_beta   76.20
_cell.angle_gamma   78.13
#
_symmetry.space_group_name_H-M   'P 1'
#
loop_
_entity.id
_entity.type
_entity.pdbx_description
1 polymer 'HLA CLASS I HISTOCOMPATIBILITY ANTIGEN, A-2 ALPHA CHAIN'
2 polymer BETA-2-MICROGLOBULIN
3 polymer '9 RESIDUE PEPTIDE'
4 water water
#
loop_
_entity_poly.entity_id
_entity_poly.type
_entity_poly.pdbx_seq_one_letter_code
_entity_poly.pdbx_strand_id
1 'polypeptide(L)'
;GSHSMRYFFTSVSRPGRGEPRFIAVGYVDDTQFVRFDSDAASQRMEPRAPWIEQEGPEYWDGETRKVKAHSQTHRVDLGT
LRGYYNQSEAGSHTVQRMYGCDVGSDWRFLRGYHQYAYDGKDYIALKEDLRSWTAADMAAQTTKHKWEAAHVAEQLRAYL
EGTCVEWLRRYLENGKETLQRTDAPKTHMTHHAVSDHEATLRCWALSFYPAEITLTWQRDGEDQTQDTELVETRPAGDGT
FQKWAAVVVPSGQEQRYTCHVQHEGLPKPLTLRWE
;
A,D
2 'polypeptide(L)'
;MIQRTPKIQVYSRHPAENGKSNFLNCYVSGFHPSDIEVDLLKNGERIEKVEHSDLSFSKDWSFYLLYYTEFTPTEKDEYA
CRVNHVTLSQPKIVKWDRDM
;
B,E
3 'polypeptide(L)' FAPGFFPYL C,F
#
# COMPACT_ATOMS: atom_id res chain seq x y z
N GLY A 1 -16.34 -0.81 -50.89
CA GLY A 1 -16.61 -1.08 -49.45
C GLY A 1 -16.01 0.01 -48.57
N SER A 2 -16.65 0.27 -47.44
CA SER A 2 -16.25 1.23 -46.45
C SER A 2 -14.88 0.93 -45.86
N HIS A 3 -14.19 1.96 -45.36
CA HIS A 3 -12.84 1.80 -44.81
C HIS A 3 -12.65 2.63 -43.55
N SER A 4 -11.58 2.35 -42.82
CA SER A 4 -11.28 3.14 -41.63
C SER A 4 -9.79 3.22 -41.34
N MET A 5 -9.41 4.26 -40.59
CA MET A 5 -8.08 4.42 -40.03
C MET A 5 -8.19 4.60 -38.51
N ARG A 6 -7.35 3.97 -37.69
CA ARG A 6 -7.44 4.14 -36.24
C ARG A 6 -6.09 4.15 -35.55
N TYR A 7 -5.96 4.94 -34.50
CA TYR A 7 -4.79 4.99 -33.65
C TYR A 7 -5.19 4.61 -32.22
N PHE A 8 -4.50 3.64 -31.63
CA PHE A 8 -4.77 3.14 -30.29
C PHE A 8 -3.54 3.35 -29.41
N PHE A 9 -3.72 4.02 -28.27
CA PHE A 9 -2.59 4.31 -27.38
C PHE A 9 -2.81 3.81 -25.94
N THR A 10 -1.82 3.13 -25.37
CA THR A 10 -1.91 2.62 -24.01
C THR A 10 -0.78 3.11 -23.08
N SER A 11 -1.13 3.66 -21.94
CA SER A 11 -0.14 4.11 -20.97
C SER A 11 -0.30 3.37 -19.64
N VAL A 12 0.77 2.79 -19.09
CA VAL A 12 0.64 2.06 -17.82
C VAL A 12 1.68 2.49 -16.81
N SER A 13 1.29 2.99 -15.64
CA SER A 13 2.26 3.38 -14.62
C SER A 13 2.83 2.18 -13.85
N ARG A 14 4.08 2.29 -13.44
CA ARG A 14 4.81 1.29 -12.69
C ARG A 14 5.54 1.94 -11.52
N PRO A 15 4.78 2.21 -10.47
CA PRO A 15 5.27 2.93 -9.30
C PRO A 15 6.59 2.41 -8.79
N GLY A 16 7.61 3.24 -9.01
CA GLY A 16 8.96 2.94 -8.59
C GLY A 16 9.74 2.04 -9.51
N ARG A 17 9.25 1.70 -10.71
CA ARG A 17 10.05 0.82 -11.58
C ARG A 17 10.35 1.57 -12.88
N GLY A 18 10.62 2.85 -12.71
CA GLY A 18 10.90 3.75 -13.84
C GLY A 18 9.62 4.41 -14.35
N GLU A 19 9.72 5.27 -15.35
CA GLU A 19 8.56 5.90 -15.94
C GLU A 19 7.55 4.93 -16.52
N PRO A 20 6.36 5.46 -16.83
CA PRO A 20 5.28 4.66 -17.38
C PRO A 20 5.62 4.08 -18.74
N ARG A 21 4.98 2.93 -18.99
CA ARG A 21 5.10 2.25 -20.27
C ARG A 21 4.09 2.85 -21.25
N PHE A 22 4.50 3.13 -22.47
CA PHE A 22 3.57 3.68 -23.46
C PHE A 22 3.65 2.90 -24.76
N ILE A 23 2.55 2.39 -25.26
CA ILE A 23 2.51 1.65 -26.52
C ILE A 23 1.51 2.30 -27.49
N ALA A 24 1.97 2.59 -28.70
CA ALA A 24 1.09 3.13 -29.72
C ALA A 24 1.03 2.24 -30.96
N VAL A 25 -0.17 2.04 -31.48
CA VAL A 25 -0.39 1.28 -32.70
C VAL A 25 -1.41 1.99 -33.60
N GLY A 26 -1.23 1.80 -34.90
CA GLY A 26 -2.06 2.34 -35.97
C GLY A 26 -2.51 1.25 -36.96
N TYR A 27 -3.75 1.32 -37.39
CA TYR A 27 -4.39 0.40 -38.30
C TYR A 27 -5.14 1.09 -39.44
N VAL A 28 -5.26 0.41 -40.55
CA VAL A 28 -6.07 0.73 -41.70
C VAL A 28 -6.98 -0.51 -41.87
N ASP A 29 -8.27 -0.36 -41.61
CA ASP A 29 -9.19 -1.50 -41.60
C ASP A 29 -8.66 -2.52 -40.60
N ASP A 30 -8.42 -3.77 -40.99
CA ASP A 30 -7.90 -4.75 -40.02
C ASP A 30 -6.41 -4.98 -40.16
N THR A 31 -5.70 -4.18 -40.96
CA THR A 31 -4.24 -4.35 -41.14
C THR A 31 -3.45 -3.35 -40.31
N GLN A 32 -2.56 -3.81 -39.44
CA GLN A 32 -1.77 -2.91 -38.62
C GLN A 32 -0.62 -2.31 -39.45
N PHE A 33 -0.24 -1.03 -39.32
CA PHE A 33 0.86 -0.55 -40.17
C PHE A 33 2.00 0.14 -39.46
N VAL A 34 1.84 0.58 -38.21
CA VAL A 34 2.90 1.20 -37.45
C VAL A 34 2.80 0.91 -35.96
N ARG A 35 3.91 1.13 -35.26
CA ARG A 35 3.93 0.95 -33.81
C ARG A 35 5.02 1.84 -33.19
N PHE A 36 4.86 2.09 -31.91
CA PHE A 36 5.81 2.79 -31.08
C PHE A 36 5.77 2.13 -29.69
N ASP A 37 6.94 1.77 -29.17
CA ASP A 37 6.99 1.20 -27.82
C ASP A 37 8.07 1.91 -27.02
N SER A 38 7.71 2.57 -25.93
CA SER A 38 8.64 3.27 -25.06
C SER A 38 9.72 2.39 -24.45
N ASP A 39 9.56 1.07 -24.33
CA ASP A 39 10.64 0.25 -23.79
C ASP A 39 11.64 -0.17 -24.87
N ALA A 40 11.34 -0.04 -26.16
CA ALA A 40 12.26 -0.50 -27.20
C ALA A 40 13.45 0.44 -27.40
N ALA A 41 14.45 -0.09 -28.09
CA ALA A 41 15.72 0.63 -28.26
C ALA A 41 15.65 1.72 -29.31
N SER A 42 14.98 1.52 -30.43
CA SER A 42 14.97 2.53 -31.48
C SER A 42 14.49 3.91 -31.03
N GLN A 43 13.38 3.96 -30.30
CA GLN A 43 12.75 5.20 -29.89
C GLN A 43 12.16 5.92 -31.10
N ARG A 44 11.65 5.18 -32.07
CA ARG A 44 11.09 5.74 -33.28
C ARG A 44 9.78 5.08 -33.67
N MET A 45 8.98 5.71 -34.52
CA MET A 45 7.79 5.03 -35.05
C MET A 45 8.33 3.97 -35.99
N GLU A 46 7.76 2.77 -36.12
CA GLU A 46 8.29 1.70 -36.95
C GLU A 46 7.21 1.09 -37.84
N PRO A 47 7.60 0.69 -39.05
CA PRO A 47 6.71 0.08 -40.00
C PRO A 47 6.30 -1.32 -39.59
N ARG A 48 5.06 -1.72 -39.83
CA ARG A 48 4.56 -3.06 -39.50
C ARG A 48 3.84 -3.67 -40.70
N ALA A 49 3.84 -3.00 -41.82
CA ALA A 49 3.29 -3.52 -43.08
C ALA A 49 4.25 -3.06 -44.20
N PRO A 50 4.44 -3.90 -45.21
CA PRO A 50 5.35 -3.62 -46.30
C PRO A 50 5.03 -2.36 -47.08
N TRP A 51 3.78 -1.95 -47.25
CA TRP A 51 3.42 -0.82 -48.07
C TRP A 51 3.76 0.54 -47.48
N ILE A 52 4.05 0.66 -46.19
CA ILE A 52 4.32 1.98 -45.61
C ILE A 52 5.83 2.19 -45.50
N GLU A 53 6.54 1.09 -45.75
CA GLU A 53 7.98 1.01 -45.56
C GLU A 53 8.80 1.93 -46.44
N GLN A 54 8.31 2.24 -47.64
CA GLN A 54 9.09 3.16 -48.46
C GLN A 54 8.60 4.59 -48.39
N GLU A 55 7.84 5.00 -47.36
CA GLU A 55 7.58 6.43 -47.16
C GLU A 55 8.96 6.99 -46.82
N GLY A 56 9.33 8.18 -47.24
CA GLY A 56 10.69 8.63 -46.93
C GLY A 56 10.95 9.00 -45.49
N PRO A 57 12.17 9.51 -45.25
CA PRO A 57 12.61 9.94 -43.94
C PRO A 57 11.83 11.10 -43.34
N GLU A 58 11.26 11.98 -44.16
CA GLU A 58 10.47 13.10 -43.61
C GLU A 58 9.20 12.54 -42.97
N TYR A 59 8.56 11.53 -43.59
CA TYR A 59 7.38 10.93 -42.94
C TYR A 59 7.77 10.30 -41.61
N TRP A 60 8.78 9.42 -41.62
CA TRP A 60 9.19 8.75 -40.39
C TRP A 60 9.56 9.73 -39.31
N ASP A 61 10.41 10.71 -39.57
CA ASP A 61 10.79 11.73 -38.61
C ASP A 61 9.58 12.47 -38.05
N GLY A 62 8.64 12.90 -38.88
CA GLY A 62 7.46 13.58 -38.36
C GLY A 62 6.61 12.68 -37.47
N GLU A 63 6.39 11.40 -37.86
CA GLU A 63 5.56 10.52 -37.04
C GLU A 63 6.24 10.24 -35.71
N THR A 64 7.58 10.16 -35.71
CA THR A 64 8.34 9.89 -34.50
C THR A 64 8.22 11.09 -33.56
N ARG A 65 8.37 12.32 -34.11
CA ARG A 65 8.25 13.50 -33.24
C ARG A 65 6.84 13.56 -32.64
N LYS A 66 5.79 13.39 -33.43
CA LYS A 66 4.42 13.38 -32.89
C LYS A 66 4.19 12.31 -31.84
N VAL A 67 4.59 11.06 -32.05
CA VAL A 67 4.32 9.98 -31.09
C VAL A 67 5.07 10.16 -29.78
N LYS A 68 6.25 10.76 -29.81
CA LYS A 68 7.01 11.07 -28.60
C LYS A 68 6.24 12.11 -27.77
N ALA A 69 5.69 13.13 -28.44
CA ALA A 69 4.94 14.22 -27.84
C ALA A 69 3.68 13.71 -27.16
N HIS A 70 3.01 12.71 -27.75
CA HIS A 70 1.85 12.06 -27.15
C HIS A 70 2.24 11.26 -25.92
N SER A 71 3.39 10.61 -25.98
CA SER A 71 3.92 9.86 -24.85
C SER A 71 4.00 10.77 -23.63
N GLN A 72 4.74 11.86 -23.75
CA GLN A 72 4.89 12.82 -22.67
C GLN A 72 3.58 13.40 -22.16
N THR A 73 2.55 13.58 -22.96
CA THR A 73 1.28 14.11 -22.50
C THR A 73 0.61 13.08 -21.58
N HIS A 74 0.79 11.78 -21.92
CA HIS A 74 0.24 10.71 -21.10
C HIS A 74 1.01 10.55 -19.80
N ARG A 75 2.28 10.96 -19.72
CA ARG A 75 3.02 10.89 -18.49
C ARG A 75 2.43 11.91 -17.49
N VAL A 76 2.09 13.09 -17.97
CA VAL A 76 1.47 14.10 -17.12
C VAL A 76 0.06 13.69 -16.78
N ASP A 77 -0.70 13.22 -17.78
CA ASP A 77 -2.06 12.79 -17.53
C ASP A 77 -2.17 11.76 -16.40
N LEU A 78 -1.26 10.79 -16.25
CA LEU A 78 -1.41 9.82 -15.16
C LEU A 78 -1.36 10.43 -13.76
N GLY A 79 -0.56 11.48 -13.57
CA GLY A 79 -0.46 12.19 -12.29
C GLY A 79 -1.74 13.00 -12.08
N THR A 80 -2.17 13.75 -13.09
CA THR A 80 -3.42 14.51 -13.01
C THR A 80 -4.60 13.68 -12.55
N LEU A 81 -4.90 12.52 -13.15
CA LEU A 81 -6.03 11.68 -12.75
C LEU A 81 -5.87 11.13 -11.33
N ARG A 82 -4.63 10.81 -10.97
CA ARG A 82 -4.26 10.40 -9.62
C ARG A 82 -4.69 11.47 -8.62
N GLY A 83 -4.53 12.75 -8.92
CA GLY A 83 -5.03 13.82 -8.08
C GLY A 83 -6.55 13.94 -8.14
N TYR A 84 -7.14 13.88 -9.35
CA TYR A 84 -8.58 13.97 -9.47
C TYR A 84 -9.32 12.88 -8.69
N TYR A 85 -8.77 11.69 -8.50
CA TYR A 85 -9.44 10.66 -7.76
C TYR A 85 -8.80 10.44 -6.38
N ASN A 86 -7.81 11.27 -6.09
CA ASN A 86 -7.12 11.18 -4.81
C ASN A 86 -6.72 9.74 -4.53
N GLN A 87 -5.86 9.20 -5.40
CA GLN A 87 -5.41 7.83 -5.31
C GLN A 87 -3.98 7.77 -4.79
N SER A 88 -3.54 6.64 -4.23
CA SER A 88 -2.14 6.64 -3.79
C SER A 88 -1.19 6.54 -4.99
N GLU A 89 0.09 6.80 -4.69
CA GLU A 89 1.16 6.73 -5.68
C GLU A 89 1.72 5.30 -5.77
N ALA A 90 1.15 4.35 -5.03
CA ALA A 90 1.62 2.98 -5.02
C ALA A 90 0.87 2.02 -5.94
N GLY A 91 -0.31 2.38 -6.41
CA GLY A 91 -1.04 1.52 -7.32
C GLY A 91 -0.65 1.78 -8.78
N SER A 92 -0.89 0.76 -9.61
CA SER A 92 -0.62 0.81 -11.03
C SER A 92 -1.89 1.25 -11.74
N HIS A 93 -1.86 2.26 -12.60
CA HIS A 93 -3.06 2.72 -13.29
C HIS A 93 -2.87 2.64 -14.81
N THR A 94 -3.96 2.61 -15.55
CA THR A 94 -3.98 2.52 -16.99
C THR A 94 -4.79 3.63 -17.65
N VAL A 95 -4.21 4.33 -18.62
CA VAL A 95 -4.92 5.26 -19.47
C VAL A 95 -4.95 4.75 -20.92
N GLN A 96 -6.12 4.81 -21.56
CA GLN A 96 -6.23 4.37 -22.95
C GLN A 96 -6.80 5.51 -23.77
N ARG A 97 -6.42 5.62 -25.04
CA ARG A 97 -6.91 6.71 -25.88
C ARG A 97 -7.04 6.22 -27.32
N MET A 98 -8.12 6.56 -27.99
CA MET A 98 -8.34 6.16 -29.39
C MET A 98 -8.84 7.34 -30.21
N TYR A 99 -8.55 7.37 -31.51
CA TYR A 99 -9.12 8.29 -32.45
C TYR A 99 -9.10 7.63 -33.85
N GLY A 100 -10.05 8.08 -34.67
CA GLY A 100 -10.18 7.56 -36.00
C GLY A 100 -11.24 8.22 -36.86
N CYS A 101 -11.31 7.78 -38.11
CA CYS A 101 -12.25 8.23 -39.09
C CYS A 101 -12.69 7.05 -39.94
N ASP A 102 -13.97 7.04 -40.30
CA ASP A 102 -14.55 6.06 -41.21
C ASP A 102 -14.96 6.75 -42.53
N VAL A 103 -14.74 6.09 -43.66
CA VAL A 103 -15.18 6.67 -44.94
C VAL A 103 -16.10 5.63 -45.60
N GLY A 104 -17.02 6.05 -46.45
CA GLY A 104 -17.94 5.08 -47.04
C GLY A 104 -17.42 4.45 -48.31
N SER A 105 -18.34 3.83 -49.06
CA SER A 105 -17.96 3.19 -50.33
C SER A 105 -17.42 4.18 -51.35
N ASP A 106 -17.89 5.42 -51.30
CA ASP A 106 -17.38 6.48 -52.19
C ASP A 106 -16.10 7.10 -51.69
N TRP A 107 -15.54 6.63 -50.56
CA TRP A 107 -14.36 7.13 -49.89
C TRP A 107 -14.58 8.52 -49.29
N ARG A 108 -15.84 8.76 -48.94
CA ARG A 108 -16.18 10.04 -48.33
C ARG A 108 -16.42 9.98 -46.83
N PHE A 109 -15.92 10.98 -46.12
CA PHE A 109 -16.14 11.04 -44.70
C PHE A 109 -17.55 10.59 -44.31
N LEU A 110 -17.60 9.70 -43.33
CA LEU A 110 -18.84 9.16 -42.78
C LEU A 110 -18.89 9.41 -41.27
N ARG A 111 -17.81 9.22 -40.53
CA ARG A 111 -17.83 9.44 -39.09
C ARG A 111 -16.43 9.57 -38.49
N GLY A 112 -16.31 10.24 -37.36
CA GLY A 112 -15.08 10.53 -36.66
C GLY A 112 -15.15 10.16 -35.17
N TYR A 113 -14.04 9.70 -34.59
CA TYR A 113 -13.94 9.25 -33.24
C TYR A 113 -12.74 9.79 -32.46
N HIS A 114 -12.96 9.97 -31.16
CA HIS A 114 -11.94 10.41 -30.22
C HIS A 114 -12.42 10.18 -28.79
N GLN A 115 -11.82 9.27 -28.03
CA GLN A 115 -12.26 9.05 -26.65
C GLN A 115 -11.19 8.49 -25.73
N TYR A 116 -11.40 8.61 -24.41
CA TYR A 116 -10.45 8.15 -23.42
C TYR A 116 -11.10 7.24 -22.39
N ALA A 117 -10.31 6.36 -21.78
CA ALA A 117 -10.74 5.49 -20.71
C ALA A 117 -9.71 5.52 -19.58
N TYR A 118 -10.20 5.40 -18.35
CA TYR A 118 -9.27 5.34 -17.21
C TYR A 118 -9.54 4.06 -16.42
N ASP A 119 -8.50 3.23 -16.29
CA ASP A 119 -8.61 1.93 -15.65
C ASP A 119 -9.75 1.08 -16.20
N GLY A 120 -9.96 1.01 -17.52
CA GLY A 120 -11.00 0.22 -18.14
C GLY A 120 -12.39 0.82 -18.24
N LYS A 121 -12.65 2.03 -17.74
CA LYS A 121 -13.97 2.63 -17.94
C LYS A 121 -13.96 3.98 -18.66
N ASP A 122 -15.04 4.20 -19.42
CA ASP A 122 -15.21 5.46 -20.14
C ASP A 122 -14.91 6.64 -19.24
N TYR A 123 -14.08 7.56 -19.70
CA TYR A 123 -13.80 8.80 -18.98
C TYR A 123 -14.36 9.96 -19.78
N ILE A 124 -13.87 10.23 -21.00
CA ILE A 124 -14.45 11.31 -21.81
C ILE A 124 -14.47 10.93 -23.27
N ALA A 125 -15.50 11.36 -24.00
CA ALA A 125 -15.65 11.07 -25.42
C ALA A 125 -16.23 12.20 -26.26
N LEU A 126 -15.70 12.43 -27.46
CA LEU A 126 -16.24 13.43 -28.39
C LEU A 126 -17.55 12.87 -28.95
N LYS A 127 -18.61 13.66 -29.07
CA LYS A 127 -19.86 13.10 -29.61
C LYS A 127 -19.77 13.10 -31.14
N GLU A 128 -20.73 12.45 -31.79
CA GLU A 128 -20.79 12.33 -33.24
C GLU A 128 -20.89 13.63 -34.00
N ASP A 129 -21.43 14.68 -33.39
CA ASP A 129 -21.54 15.99 -34.00
C ASP A 129 -20.21 16.69 -34.08
N LEU A 130 -19.20 16.23 -33.36
CA LEU A 130 -17.84 16.70 -33.30
C LEU A 130 -17.72 18.09 -32.72
N ARG A 131 -18.72 18.52 -31.95
CA ARG A 131 -18.74 19.77 -31.21
C ARG A 131 -18.98 19.57 -29.72
N SER A 132 -19.56 18.45 -29.28
CA SER A 132 -19.84 18.24 -27.87
C SER A 132 -19.08 17.05 -27.28
N TRP A 133 -19.02 17.03 -25.94
CA TRP A 133 -18.33 16.02 -25.18
C TRP A 133 -19.25 15.29 -24.20
N THR A 134 -18.97 14.00 -23.97
CA THR A 134 -19.69 13.18 -23.00
C THR A 134 -18.75 12.92 -21.82
N ALA A 135 -19.05 13.45 -20.66
CA ALA A 135 -18.19 13.27 -19.50
C ALA A 135 -18.79 12.24 -18.55
N ALA A 136 -17.96 11.26 -18.20
CA ALA A 136 -18.46 10.13 -17.43
C ALA A 136 -18.77 10.46 -15.98
N ASP A 137 -18.06 11.40 -15.37
CA ASP A 137 -18.23 11.70 -13.98
C ASP A 137 -17.74 13.09 -13.61
N MET A 138 -17.69 13.33 -12.30
CA MET A 138 -17.25 14.60 -11.76
C MET A 138 -15.85 14.97 -12.18
N ALA A 139 -14.92 14.02 -12.09
CA ALA A 139 -13.54 14.29 -12.57
C ALA A 139 -13.53 14.63 -14.05
N ALA A 140 -14.31 13.90 -14.86
CA ALA A 140 -14.31 14.16 -16.30
C ALA A 140 -15.00 15.47 -16.68
N GLN A 141 -15.87 16.02 -15.83
CA GLN A 141 -16.50 17.29 -16.12
C GLN A 141 -15.45 18.40 -16.08
N THR A 142 -14.44 18.26 -15.24
CA THR A 142 -13.34 19.20 -15.09
C THR A 142 -12.49 19.25 -16.36
N THR A 143 -12.19 18.10 -16.94
CA THR A 143 -11.51 18.01 -18.22
C THR A 143 -12.36 18.63 -19.32
N LYS A 144 -13.67 18.37 -19.34
CA LYS A 144 -14.57 18.88 -20.35
C LYS A 144 -14.62 20.41 -20.36
N HIS A 145 -14.69 21.04 -19.19
CA HIS A 145 -14.72 22.48 -19.08
C HIS A 145 -13.39 23.03 -19.60
N LYS A 146 -12.28 22.42 -19.21
CA LYS A 146 -10.99 22.85 -19.71
C LYS A 146 -10.97 22.83 -21.24
N TRP A 147 -11.38 21.72 -21.83
CA TRP A 147 -11.37 21.51 -23.27
C TRP A 147 -12.34 22.41 -24.04
N GLU A 148 -13.44 22.80 -23.39
CA GLU A 148 -14.41 23.70 -23.97
C GLU A 148 -13.83 25.11 -24.07
N ALA A 149 -13.16 25.56 -23.02
CA ALA A 149 -12.56 26.90 -23.01
C ALA A 149 -11.44 27.12 -23.98
N ALA A 150 -10.68 26.03 -24.22
CA ALA A 150 -9.56 26.00 -25.12
C ALA A 150 -10.00 25.60 -26.52
N HIS A 151 -11.30 25.41 -26.73
CA HIS A 151 -11.81 25.04 -28.04
C HIS A 151 -11.07 23.85 -28.65
N VAL A 152 -10.97 22.75 -27.91
CA VAL A 152 -10.30 21.54 -28.39
C VAL A 152 -11.15 20.83 -29.42
N ALA A 153 -12.47 20.83 -29.31
CA ALA A 153 -13.32 20.10 -30.24
C ALA A 153 -13.19 20.61 -31.68
N GLU A 154 -13.04 21.91 -31.87
CA GLU A 154 -12.87 22.51 -33.18
C GLU A 154 -11.59 22.00 -33.86
N GLN A 155 -10.53 21.91 -33.05
CA GLN A 155 -9.24 21.44 -33.55
C GLN A 155 -9.32 19.97 -33.94
N LEU A 156 -10.02 19.14 -33.15
CA LEU A 156 -10.14 17.72 -33.49
C LEU A 156 -10.95 17.50 -34.76
N ARG A 157 -12.05 18.24 -34.91
CA ARG A 157 -12.89 18.12 -36.09
C ARG A 157 -12.17 18.36 -37.40
N ALA A 158 -11.31 19.37 -37.53
CA ALA A 158 -10.52 19.60 -38.74
C ALA A 158 -9.60 18.41 -39.04
N TYR A 159 -9.03 17.74 -38.06
CA TYR A 159 -8.21 16.55 -38.30
C TYR A 159 -9.05 15.35 -38.73
N LEU A 160 -10.14 15.03 -38.05
CA LEU A 160 -10.93 13.84 -38.28
C LEU A 160 -11.66 13.87 -39.62
N GLU A 161 -12.17 15.03 -40.01
CA GLU A 161 -12.87 15.19 -41.27
C GLU A 161 -11.92 15.61 -42.40
N GLY A 162 -10.70 16.01 -42.08
CA GLY A 162 -9.81 16.49 -43.16
C GLY A 162 -8.58 15.59 -43.31
N THR A 163 -7.52 15.92 -42.61
CA THR A 163 -6.28 15.17 -42.61
C THR A 163 -6.45 13.66 -42.50
N CYS A 164 -7.22 13.16 -41.53
CA CYS A 164 -7.40 11.72 -41.33
C CYS A 164 -7.85 11.04 -42.61
N VAL A 165 -8.88 11.58 -43.25
CA VAL A 165 -9.47 11.07 -44.47
C VAL A 165 -8.50 11.17 -45.66
N GLU A 166 -7.74 12.27 -45.74
CA GLU A 166 -6.79 12.43 -46.83
C GLU A 166 -5.69 11.38 -46.79
N TRP A 167 -5.13 11.15 -45.60
CA TRP A 167 -4.07 10.14 -45.48
C TRP A 167 -4.64 8.73 -45.59
N LEU A 168 -5.86 8.48 -45.17
CA LEU A 168 -6.50 7.17 -45.31
C LEU A 168 -6.59 6.81 -46.79
N ARG A 169 -7.07 7.74 -47.62
CA ARG A 169 -7.16 7.54 -49.05
C ARG A 169 -5.80 7.33 -49.68
N ARG A 170 -4.80 8.11 -49.26
CA ARG A 170 -3.44 7.96 -49.79
C ARG A 170 -2.91 6.57 -49.48
N TYR A 171 -3.15 6.08 -48.27
CA TYR A 171 -2.76 4.75 -47.86
C TYR A 171 -3.50 3.68 -48.66
N LEU A 172 -4.80 3.88 -48.88
CA LEU A 172 -5.62 2.95 -49.65
C LEU A 172 -5.05 2.78 -51.05
N GLU A 173 -4.68 3.90 -51.69
CA GLU A 173 -4.03 3.83 -52.99
C GLU A 173 -2.64 3.21 -52.95
N ASN A 174 -1.71 3.68 -52.12
CA ASN A 174 -0.37 3.14 -52.10
C ASN A 174 -0.27 1.66 -51.68
N GLY A 175 -1.11 1.21 -50.75
CA GLY A 175 -1.10 -0.19 -50.34
C GLY A 175 -2.24 -0.98 -51.00
N LYS A 176 -2.71 -0.56 -52.18
CA LYS A 176 -3.84 -1.16 -52.83
C LYS A 176 -3.85 -2.68 -52.90
N GLU A 177 -2.75 -3.31 -53.29
CA GLU A 177 -2.64 -4.75 -53.34
C GLU A 177 -3.10 -5.40 -52.03
N THR A 178 -2.60 -4.93 -50.91
CA THR A 178 -2.98 -5.46 -49.59
C THR A 178 -4.35 -4.92 -49.20
N LEU A 179 -4.48 -3.60 -49.16
CA LEU A 179 -5.65 -2.95 -48.59
C LEU A 179 -6.93 -3.00 -49.39
N GLN A 180 -6.84 -3.07 -50.74
CA GLN A 180 -8.10 -3.12 -51.49
C GLN A 180 -8.39 -4.55 -51.93
N ARG A 181 -7.79 -5.51 -51.23
CA ARG A 181 -7.98 -6.92 -51.58
C ARG A 181 -9.24 -7.42 -50.87
N THR A 182 -9.95 -8.31 -51.52
CA THR A 182 -11.11 -8.98 -50.97
C THR A 182 -10.84 -10.47 -51.08
N ASP A 183 -10.68 -11.17 -49.95
CA ASP A 183 -10.43 -12.61 -50.01
C ASP A 183 -11.62 -13.39 -49.44
N ALA A 184 -12.30 -14.12 -50.30
CA ALA A 184 -13.43 -14.95 -49.91
C ALA A 184 -12.94 -16.11 -49.04
N PRO A 185 -13.75 -16.46 -48.05
CA PRO A 185 -13.43 -17.55 -47.16
C PRO A 185 -13.45 -18.91 -47.86
N LYS A 186 -12.50 -19.74 -47.49
CA LYS A 186 -12.44 -21.13 -47.94
C LYS A 186 -13.28 -21.85 -46.86
N THR A 187 -14.34 -22.51 -47.28
CA THR A 187 -15.23 -23.16 -46.32
C THR A 187 -15.21 -24.69 -46.39
N HIS A 188 -15.67 -25.35 -45.33
CA HIS A 188 -15.74 -26.80 -45.28
C HIS A 188 -16.35 -27.18 -43.91
N MET A 189 -16.86 -28.40 -43.81
CA MET A 189 -17.47 -28.91 -42.59
C MET A 189 -16.78 -30.20 -42.12
N THR A 190 -16.73 -30.47 -40.83
CA THR A 190 -16.21 -31.69 -40.26
C THR A 190 -17.34 -32.34 -39.41
N HIS A 191 -17.30 -33.67 -39.28
CA HIS A 191 -18.31 -34.41 -38.54
C HIS A 191 -17.64 -35.31 -37.51
N HIS A 192 -18.04 -35.33 -36.25
CA HIS A 192 -17.34 -36.16 -35.27
C HIS A 192 -18.30 -36.73 -34.24
N ALA A 193 -18.35 -38.05 -34.12
CA ALA A 193 -19.20 -38.71 -33.15
C ALA A 193 -18.73 -38.43 -31.73
N VAL A 194 -19.64 -37.97 -30.88
CA VAL A 194 -19.29 -37.69 -29.49
C VAL A 194 -19.80 -38.85 -28.63
N SER A 195 -20.85 -39.49 -29.12
CA SER A 195 -21.54 -40.60 -28.49
C SER A 195 -22.17 -41.49 -29.55
N ASP A 196 -22.96 -42.47 -29.09
CA ASP A 196 -23.62 -43.38 -30.02
C ASP A 196 -24.87 -42.78 -30.65
N HIS A 197 -25.37 -41.64 -30.15
CA HIS A 197 -26.57 -41.05 -30.74
C HIS A 197 -26.51 -39.54 -30.93
N GLU A 198 -25.35 -38.95 -30.82
CA GLU A 198 -25.19 -37.52 -31.08
C GLU A 198 -23.89 -37.31 -31.86
N ALA A 199 -23.83 -36.22 -32.63
CA ALA A 199 -22.57 -35.86 -33.29
C ALA A 199 -22.44 -34.34 -33.37
N THR A 200 -21.19 -33.90 -33.46
CA THR A 200 -20.83 -32.50 -33.60
C THR A 200 -20.65 -32.14 -35.07
N LEU A 201 -21.37 -31.16 -35.59
CA LEU A 201 -21.11 -30.68 -36.96
C LEU A 201 -20.42 -29.29 -36.84
N ARG A 202 -19.24 -29.13 -37.42
CA ARG A 202 -18.53 -27.87 -37.33
C ARG A 202 -18.40 -27.20 -38.70
N CYS A 203 -18.74 -25.93 -38.83
CA CYS A 203 -18.68 -25.21 -40.11
C CYS A 203 -17.53 -24.20 -40.08
N TRP A 204 -16.57 -24.30 -40.97
CA TRP A 204 -15.40 -23.46 -41.02
C TRP A 204 -15.30 -22.42 -42.15
N ALA A 205 -14.72 -21.26 -41.82
CA ALA A 205 -14.39 -20.23 -42.79
C ALA A 205 -12.90 -19.83 -42.58
N LEU A 206 -12.04 -20.02 -43.59
CA LEU A 206 -10.63 -19.72 -43.46
C LEU A 206 -10.09 -18.75 -44.51
N SER A 207 -8.88 -18.23 -44.28
CA SER A 207 -8.19 -17.29 -45.12
C SER A 207 -9.06 -16.18 -45.74
N PHE A 208 -9.88 -15.48 -44.96
CA PHE A 208 -10.72 -14.43 -45.52
C PHE A 208 -10.20 -13.04 -45.11
N TYR A 209 -10.60 -12.01 -45.83
CA TYR A 209 -10.24 -10.61 -45.56
C TYR A 209 -11.28 -9.77 -46.28
N PRO A 210 -11.84 -8.77 -45.65
CA PRO A 210 -11.52 -8.35 -44.30
C PRO A 210 -12.17 -9.22 -43.24
N ALA A 211 -12.06 -8.88 -41.97
CA ALA A 211 -12.57 -9.61 -40.85
C ALA A 211 -14.07 -9.82 -40.72
N GLU A 212 -14.90 -8.85 -41.09
CA GLU A 212 -16.34 -8.93 -40.94
C GLU A 212 -16.91 -10.14 -41.68
N ILE A 213 -17.77 -10.90 -41.04
CA ILE A 213 -18.36 -12.10 -41.64
C ILE A 213 -19.58 -12.50 -40.81
N THR A 214 -20.54 -13.18 -41.41
CA THR A 214 -21.69 -13.72 -40.70
C THR A 214 -21.73 -15.22 -40.99
N LEU A 215 -21.72 -16.03 -39.95
CA LEU A 215 -21.68 -17.48 -40.01
C LEU A 215 -22.67 -18.11 -39.04
N THR A 216 -23.75 -18.73 -39.53
CA THR A 216 -24.77 -19.29 -38.67
C THR A 216 -25.23 -20.69 -39.07
N TRP A 217 -25.94 -21.39 -38.17
CA TRP A 217 -26.52 -22.69 -38.47
C TRP A 217 -28.04 -22.59 -38.41
N GLN A 218 -28.73 -23.38 -39.19
CA GLN A 218 -30.18 -23.43 -39.22
C GLN A 218 -30.63 -24.90 -39.20
N ARG A 219 -31.81 -25.11 -38.62
CA ARG A 219 -32.46 -26.42 -38.62
C ARG A 219 -33.79 -26.24 -39.34
N ASP A 220 -34.04 -26.89 -40.47
CA ASP A 220 -35.24 -26.68 -41.27
C ASP A 220 -35.47 -25.23 -41.65
N GLY A 221 -34.42 -24.43 -41.85
CA GLY A 221 -34.50 -23.03 -42.19
C GLY A 221 -34.75 -22.10 -40.99
N GLU A 222 -34.80 -22.61 -39.78
CA GLU A 222 -35.07 -21.83 -38.59
C GLU A 222 -33.78 -21.61 -37.80
N ASP A 223 -33.70 -20.41 -37.25
CA ASP A 223 -32.53 -19.95 -36.49
C ASP A 223 -32.22 -20.82 -35.28
N GLN A 224 -30.95 -21.13 -35.09
CA GLN A 224 -30.49 -21.96 -34.00
C GLN A 224 -29.49 -21.23 -33.10
N THR A 225 -29.62 -19.92 -33.01
CA THR A 225 -28.66 -19.09 -32.27
C THR A 225 -28.35 -19.55 -30.87
N GLN A 226 -29.32 -19.93 -30.02
CA GLN A 226 -28.96 -20.40 -28.69
C GLN A 226 -28.34 -21.78 -28.64
N ASP A 227 -28.32 -22.60 -29.68
CA ASP A 227 -27.70 -23.91 -29.59
C ASP A 227 -26.40 -24.01 -30.38
N THR A 228 -25.93 -22.89 -30.91
CA THR A 228 -24.70 -22.85 -31.71
C THR A 228 -23.55 -22.34 -30.85
N GLU A 229 -22.41 -22.98 -30.98
CA GLU A 229 -21.20 -22.49 -30.33
C GLU A 229 -20.45 -21.70 -31.42
N LEU A 230 -20.24 -20.42 -31.19
CA LEU A 230 -19.61 -19.53 -32.17
C LEU A 230 -18.28 -19.02 -31.61
N VAL A 231 -17.12 -19.24 -32.23
CA VAL A 231 -15.91 -18.72 -31.63
C VAL A 231 -15.68 -17.28 -32.16
N GLU A 232 -14.83 -16.55 -31.44
CA GLU A 232 -14.53 -15.20 -31.91
C GLU A 232 -13.68 -15.22 -33.18
N THR A 233 -13.96 -14.32 -34.12
CA THR A 233 -13.13 -14.16 -35.32
C THR A 233 -11.67 -13.97 -34.93
N ARG A 234 -10.73 -14.68 -35.51
CA ARG A 234 -9.34 -14.55 -35.10
C ARG A 234 -8.34 -14.49 -36.25
N PRO A 235 -7.17 -13.91 -35.95
CA PRO A 235 -6.10 -13.75 -36.93
C PRO A 235 -5.31 -15.02 -37.18
N ALA A 236 -5.06 -15.31 -38.46
CA ALA A 236 -4.28 -16.49 -38.85
C ALA A 236 -2.78 -16.25 -38.71
N GLY A 237 -2.38 -14.99 -38.69
CA GLY A 237 -1.00 -14.56 -38.58
C GLY A 237 -0.42 -14.04 -39.88
N ASP A 238 -1.08 -14.33 -41.00
CA ASP A 238 -0.59 -13.92 -42.31
C ASP A 238 -1.41 -12.81 -42.94
N GLY A 239 -2.21 -12.08 -42.16
CA GLY A 239 -3.02 -11.00 -42.71
C GLY A 239 -4.45 -11.47 -42.98
N THR A 240 -4.73 -12.77 -42.83
CA THR A 240 -6.07 -13.28 -43.00
C THR A 240 -6.69 -13.69 -41.67
N PHE A 241 -7.99 -13.96 -41.67
CA PHE A 241 -8.80 -14.32 -40.51
C PHE A 241 -9.46 -15.69 -40.63
N GLN A 242 -9.94 -16.19 -39.49
CA GLN A 242 -10.57 -17.50 -39.38
C GLN A 242 -11.80 -17.47 -38.47
N LYS A 243 -12.77 -18.38 -38.69
CA LYS A 243 -13.92 -18.47 -37.79
C LYS A 243 -14.64 -19.82 -37.92
N TRP A 244 -15.20 -20.34 -36.83
CA TRP A 244 -16.01 -21.55 -36.95
C TRP A 244 -17.30 -21.46 -36.13
N ALA A 245 -18.28 -22.29 -36.49
CA ALA A 245 -19.55 -22.44 -35.81
C ALA A 245 -19.92 -23.93 -35.71
N ALA A 246 -20.34 -24.39 -34.54
CA ALA A 246 -20.69 -25.79 -34.34
C ALA A 246 -22.03 -26.03 -33.67
N VAL A 247 -22.67 -27.14 -34.00
CA VAL A 247 -23.90 -27.62 -33.39
C VAL A 247 -23.79 -29.14 -33.17
N VAL A 248 -24.34 -29.58 -32.04
CA VAL A 248 -24.42 -30.99 -31.67
C VAL A 248 -25.75 -31.54 -32.18
N VAL A 249 -25.68 -32.49 -33.09
CA VAL A 249 -26.86 -33.07 -33.75
C VAL A 249 -27.17 -34.49 -33.30
N PRO A 250 -28.44 -34.84 -33.19
CA PRO A 250 -28.87 -36.22 -33.01
C PRO A 250 -28.55 -37.03 -34.27
N SER A 251 -27.86 -38.17 -34.15
CA SER A 251 -27.52 -38.97 -35.33
C SER A 251 -28.78 -39.29 -36.12
N GLY A 252 -28.74 -39.20 -37.45
CA GLY A 252 -29.93 -39.39 -38.26
C GLY A 252 -30.51 -38.03 -38.69
N GLN A 253 -30.17 -36.91 -38.01
CA GLN A 253 -30.75 -35.63 -38.41
C GLN A 253 -29.79 -34.68 -39.12
N GLU A 254 -28.63 -35.15 -39.57
CA GLU A 254 -27.64 -34.32 -40.25
C GLU A 254 -28.24 -33.51 -41.38
N GLN A 255 -29.07 -34.11 -42.22
CA GLN A 255 -29.70 -33.49 -43.36
C GLN A 255 -30.64 -32.32 -43.05
N ARG A 256 -31.08 -32.08 -41.82
CA ARG A 256 -31.95 -30.97 -41.49
C ARG A 256 -31.17 -29.67 -41.27
N TYR A 257 -29.85 -29.76 -41.12
CA TYR A 257 -29.03 -28.60 -40.79
C TYR A 257 -28.33 -27.97 -41.99
N THR A 258 -28.31 -26.63 -42.07
CA THR A 258 -27.62 -25.87 -43.07
C THR A 258 -26.69 -24.82 -42.46
N CYS A 259 -25.47 -24.69 -42.99
CA CYS A 259 -24.55 -23.65 -42.50
C CYS A 259 -24.60 -22.49 -43.49
N HIS A 260 -24.80 -21.28 -43.00
CA HIS A 260 -24.93 -20.09 -43.82
C HIS A 260 -23.76 -19.14 -43.66
N VAL A 261 -23.10 -18.78 -44.76
CA VAL A 261 -21.96 -17.89 -44.76
C VAL A 261 -22.18 -16.61 -45.57
N GLN A 262 -21.89 -15.47 -44.97
CA GLN A 262 -22.00 -14.18 -45.64
C GLN A 262 -20.70 -13.38 -45.45
N HIS A 263 -20.20 -12.84 -46.57
CA HIS A 263 -18.97 -12.09 -46.61
C HIS A 263 -18.81 -11.23 -47.87
N GLU A 264 -18.08 -10.14 -47.79
CA GLU A 264 -17.85 -9.20 -48.89
C GLU A 264 -17.23 -9.83 -50.13
N GLY A 265 -16.30 -10.75 -49.99
CA GLY A 265 -15.67 -11.48 -51.06
C GLY A 265 -16.46 -12.56 -51.73
N LEU A 266 -17.73 -12.78 -51.39
CA LEU A 266 -18.56 -13.80 -52.03
C LEU A 266 -19.60 -13.15 -52.93
N PRO A 267 -19.76 -13.65 -54.15
CA PRO A 267 -20.73 -13.12 -55.08
C PRO A 267 -22.16 -13.28 -54.60
N LYS A 268 -22.48 -14.32 -53.86
CA LYS A 268 -23.79 -14.69 -53.31
C LYS A 268 -23.55 -15.43 -51.99
N PRO A 269 -24.41 -15.25 -51.00
CA PRO A 269 -24.23 -15.88 -49.69
C PRO A 269 -24.16 -17.39 -49.86
N LEU A 270 -23.41 -18.12 -49.02
CA LEU A 270 -23.32 -19.57 -49.20
C LEU A 270 -24.18 -20.36 -48.23
N THR A 271 -24.66 -21.51 -48.72
CA THR A 271 -25.48 -22.44 -47.99
C THR A 271 -24.93 -23.86 -48.18
N LEU A 272 -24.37 -24.40 -47.10
CA LEU A 272 -23.77 -25.72 -47.04
C LEU A 272 -24.64 -26.70 -46.25
N ARG A 273 -24.62 -27.97 -46.65
CA ARG A 273 -25.37 -29.00 -45.94
C ARG A 273 -24.58 -30.31 -45.94
N TRP A 274 -24.39 -30.93 -44.79
CA TRP A 274 -23.64 -32.19 -44.72
C TRP A 274 -24.42 -33.26 -45.47
N GLU A 275 -23.86 -33.88 -46.50
CA GLU A 275 -24.56 -34.88 -47.28
C GLU A 275 -23.70 -35.60 -48.32
N MET B 1 -11.27 -2.02 -8.63
CA MET B 1 -10.73 -1.88 -10.01
C MET B 1 -11.48 -2.84 -10.93
N ILE B 2 -11.73 -2.39 -12.16
CA ILE B 2 -12.27 -3.29 -13.18
C ILE B 2 -11.24 -4.37 -13.51
N GLN B 3 -11.71 -5.60 -13.75
CA GLN B 3 -10.87 -6.76 -14.00
C GLN B 3 -11.65 -7.69 -14.93
N ARG B 4 -11.10 -8.03 -16.11
CA ARG B 4 -11.80 -8.88 -17.06
C ARG B 4 -10.91 -10.07 -17.48
N THR B 5 -11.50 -11.26 -17.49
CA THR B 5 -10.82 -12.50 -17.78
C THR B 5 -10.64 -12.77 -19.27
N PRO B 6 -9.42 -13.16 -19.66
CA PRO B 6 -9.06 -13.46 -21.02
C PRO B 6 -9.68 -14.70 -21.66
N LYS B 7 -10.20 -14.56 -22.88
CA LYS B 7 -10.73 -15.65 -23.66
C LYS B 7 -9.50 -16.27 -24.36
N ILE B 8 -9.42 -17.58 -24.52
CA ILE B 8 -8.22 -18.20 -25.05
C ILE B 8 -8.56 -19.14 -26.19
N GLN B 9 -7.86 -18.99 -27.31
CA GLN B 9 -8.04 -19.88 -28.47
C GLN B 9 -6.67 -20.38 -28.93
N VAL B 10 -6.42 -21.68 -28.95
CA VAL B 10 -5.16 -22.25 -29.40
C VAL B 10 -5.41 -22.97 -30.72
N TYR B 11 -4.63 -22.63 -31.76
CA TYR B 11 -4.90 -23.11 -33.10
C TYR B 11 -3.73 -22.94 -34.07
N SER B 12 -3.85 -23.56 -35.24
CA SER B 12 -2.78 -23.41 -36.26
C SER B 12 -3.22 -22.48 -37.40
N ARG B 13 -2.25 -21.88 -38.07
CA ARG B 13 -2.45 -20.96 -39.17
C ARG B 13 -3.11 -21.65 -40.36
N HIS B 14 -2.55 -22.81 -40.71
CA HIS B 14 -3.09 -23.63 -41.79
C HIS B 14 -3.60 -24.93 -41.18
N PRO B 15 -4.52 -25.60 -41.85
CA PRO B 15 -5.03 -26.89 -41.39
C PRO B 15 -3.85 -27.82 -41.18
N ALA B 16 -3.67 -28.40 -40.01
CA ALA B 16 -2.57 -29.29 -39.69
C ALA B 16 -2.39 -30.46 -40.64
N GLU B 17 -1.15 -30.71 -41.04
CA GLU B 17 -0.76 -31.80 -41.92
C GLU B 17 0.57 -32.37 -41.43
N ASN B 18 0.57 -33.61 -40.92
CA ASN B 18 1.79 -34.20 -40.38
C ASN B 18 2.98 -34.09 -41.31
N GLY B 19 4.12 -33.64 -40.79
CA GLY B 19 5.33 -33.43 -41.56
C GLY B 19 5.50 -32.15 -42.34
N LYS B 20 4.53 -31.24 -42.33
CA LYS B 20 4.58 -29.96 -43.01
C LYS B 20 4.56 -28.76 -42.05
N SER B 21 5.48 -27.84 -42.29
CA SER B 21 5.70 -26.64 -41.49
C SER B 21 4.49 -25.73 -41.43
N ASN B 22 4.29 -25.02 -40.33
CA ASN B 22 3.15 -24.15 -40.10
C ASN B 22 3.43 -23.25 -38.92
N PHE B 23 2.44 -22.63 -38.30
CA PHE B 23 2.60 -21.79 -37.15
C PHE B 23 1.48 -22.11 -36.15
N LEU B 24 1.86 -22.27 -34.89
CA LEU B 24 0.92 -22.53 -33.82
C LEU B 24 0.58 -21.19 -33.17
N ASN B 25 -0.69 -20.86 -33.10
CA ASN B 25 -1.15 -19.63 -32.49
C ASN B 25 -1.89 -19.82 -31.16
N CYS B 26 -1.75 -18.84 -30.28
CA CYS B 26 -2.51 -18.71 -29.04
C CYS B 26 -3.06 -17.27 -29.02
N TYR B 27 -4.35 -17.10 -29.22
CA TYR B 27 -4.93 -15.75 -29.26
C TYR B 27 -5.59 -15.40 -27.94
N VAL B 28 -5.18 -14.36 -27.23
CA VAL B 28 -5.81 -13.98 -25.96
C VAL B 28 -6.57 -12.66 -26.11
N SER B 29 -7.82 -12.58 -25.64
CA SER B 29 -8.60 -11.35 -25.82
C SER B 29 -9.62 -11.12 -24.70
N GLY B 30 -10.25 -9.95 -24.72
CA GLY B 30 -11.23 -9.51 -23.75
C GLY B 30 -10.77 -9.32 -22.33
N PHE B 31 -9.48 -9.15 -22.09
CA PHE B 31 -8.92 -9.03 -20.75
C PHE B 31 -8.53 -7.61 -20.33
N HIS B 32 -8.49 -7.40 -19.02
CA HIS B 32 -8.10 -6.14 -18.38
C HIS B 32 -7.78 -6.38 -16.92
N PRO B 33 -6.72 -5.79 -16.38
CA PRO B 33 -5.77 -4.97 -17.09
C PRO B 33 -4.79 -5.68 -18.04
N SER B 34 -3.73 -5.00 -18.49
CA SER B 34 -2.89 -5.54 -19.54
C SER B 34 -1.79 -6.51 -19.18
N ASP B 35 -1.25 -6.61 -17.98
CA ASP B 35 -0.25 -7.62 -17.67
C ASP B 35 -0.86 -9.03 -17.82
N ILE B 36 -0.09 -9.87 -18.50
CA ILE B 36 -0.55 -11.25 -18.71
C ILE B 36 0.64 -12.14 -19.06
N GLU B 37 0.67 -13.39 -18.64
CA GLU B 37 1.76 -14.31 -19.03
C GLU B 37 1.15 -15.36 -19.96
N VAL B 38 1.78 -15.55 -21.10
CA VAL B 38 1.31 -16.48 -22.12
C VAL B 38 2.45 -17.38 -22.59
N ASP B 39 2.28 -18.70 -22.45
CA ASP B 39 3.32 -19.61 -22.91
C ASP B 39 2.80 -20.68 -23.85
N LEU B 40 3.64 -21.12 -24.80
CA LEU B 40 3.27 -22.25 -25.66
C LEU B 40 4.13 -23.46 -25.23
N LEU B 41 3.49 -24.62 -25.14
CA LEU B 41 4.14 -25.82 -24.64
C LEU B 41 4.13 -26.99 -25.64
N LYS B 42 5.22 -27.75 -25.66
CA LYS B 42 5.37 -28.91 -26.52
C LYS B 42 5.59 -30.14 -25.64
N ASN B 43 4.54 -30.96 -25.50
CA ASN B 43 4.62 -32.15 -24.65
C ASN B 43 5.00 -31.74 -23.24
N GLY B 44 4.35 -30.73 -22.68
CA GLY B 44 4.63 -30.23 -21.36
C GLY B 44 5.73 -29.22 -21.23
N GLU B 45 6.62 -29.05 -22.22
CA GLU B 45 7.75 -28.13 -22.04
C GLU B 45 7.53 -26.80 -22.75
N ARG B 46 7.92 -25.72 -22.11
CA ARG B 46 7.81 -24.36 -22.61
C ARG B 46 8.66 -24.08 -23.83
N ILE B 47 8.08 -23.67 -24.96
CA ILE B 47 8.85 -23.39 -26.17
C ILE B 47 9.57 -22.02 -26.03
N GLU B 48 10.81 -21.90 -26.50
CA GLU B 48 11.58 -20.69 -26.31
C GLU B 48 11.39 -19.64 -27.40
N LYS B 49 11.26 -20.04 -28.66
CA LYS B 49 11.12 -19.06 -29.72
C LYS B 49 9.65 -18.66 -29.93
N VAL B 50 9.09 -17.87 -28.99
CA VAL B 50 7.72 -17.41 -29.12
C VAL B 50 7.62 -15.90 -29.28
N GLU B 51 6.93 -15.45 -30.30
CA GLU B 51 6.74 -14.03 -30.57
C GLU B 51 5.31 -13.60 -30.32
N HIS B 52 5.06 -12.30 -30.26
CA HIS B 52 3.70 -11.80 -30.06
C HIS B 52 3.47 -10.47 -30.79
N SER B 53 2.22 -10.24 -31.14
CA SER B 53 1.78 -8.97 -31.72
C SER B 53 1.90 -7.83 -30.69
N ASP B 54 1.72 -6.62 -31.19
CA ASP B 54 1.84 -5.38 -30.45
C ASP B 54 0.54 -5.11 -29.68
N LEU B 55 0.58 -4.82 -28.39
CA LEU B 55 -0.63 -4.56 -27.62
C LEU B 55 -1.62 -3.59 -28.27
N SER B 56 -2.88 -3.98 -28.36
CA SER B 56 -3.98 -3.24 -28.94
C SER B 56 -5.28 -3.53 -28.19
N PHE B 57 -6.39 -2.91 -28.52
CA PHE B 57 -7.64 -3.10 -27.79
C PHE B 57 -8.89 -2.87 -28.63
N SER B 58 -10.01 -3.41 -28.18
CA SER B 58 -11.29 -3.35 -28.86
C SER B 58 -12.09 -2.11 -28.46
N LYS B 59 -13.28 -1.92 -29.03
CA LYS B 59 -14.05 -0.72 -28.72
C LYS B 59 -14.54 -0.65 -27.28
N ASP B 60 -14.63 -1.82 -26.62
CA ASP B 60 -15.05 -1.86 -25.21
C ASP B 60 -13.87 -1.69 -24.28
N TRP B 61 -12.68 -1.33 -24.76
CA TRP B 61 -11.47 -1.05 -24.03
C TRP B 61 -10.70 -2.31 -23.63
N SER B 62 -11.24 -3.51 -23.85
CA SER B 62 -10.51 -4.73 -23.48
C SER B 62 -9.35 -5.03 -24.43
N PHE B 63 -8.32 -5.72 -23.90
CA PHE B 63 -7.11 -6.00 -24.65
C PHE B 63 -7.13 -7.29 -25.45
N TYR B 64 -6.24 -7.37 -26.44
CA TYR B 64 -6.07 -8.59 -27.23
C TYR B 64 -4.61 -8.67 -27.71
N LEU B 65 -4.05 -9.86 -27.83
CA LEU B 65 -2.69 -10.14 -28.27
C LEU B 65 -2.62 -11.46 -29.05
N LEU B 66 -1.66 -11.60 -29.94
CA LEU B 66 -1.43 -12.88 -30.62
C LEU B 66 -0.04 -13.43 -30.32
N TYR B 67 0.06 -14.63 -29.78
CA TYR B 67 1.34 -15.29 -29.54
C TYR B 67 1.52 -16.38 -30.61
N TYR B 68 2.71 -16.56 -31.15
CA TYR B 68 2.87 -17.56 -32.20
C TYR B 68 4.28 -18.09 -32.34
N THR B 69 4.41 -19.30 -32.91
CA THR B 69 5.71 -19.90 -33.16
C THR B 69 5.67 -20.84 -34.36
N GLU B 70 6.79 -21.03 -35.04
CA GLU B 70 6.83 -21.97 -36.16
C GLU B 70 6.81 -23.41 -35.66
N PHE B 71 6.06 -24.30 -36.29
CA PHE B 71 6.08 -25.70 -35.86
C PHE B 71 5.68 -26.64 -37.00
N THR B 72 6.12 -27.89 -36.84
CA THR B 72 5.80 -28.95 -37.77
C THR B 72 5.05 -30.05 -37.01
N PRO B 73 3.75 -30.09 -37.17
CA PRO B 73 2.93 -31.07 -36.46
C PRO B 73 3.31 -32.51 -36.81
N THR B 74 3.04 -33.35 -35.83
CA THR B 74 3.32 -34.79 -35.91
C THR B 74 2.13 -35.56 -35.36
N GLU B 75 2.00 -36.85 -35.69
CA GLU B 75 0.95 -37.66 -35.11
C GLU B 75 0.97 -37.66 -33.57
N LYS B 76 2.13 -37.83 -32.96
CA LYS B 76 2.30 -37.96 -31.54
C LYS B 76 2.44 -36.70 -30.69
N ASP B 77 3.03 -35.63 -31.21
CA ASP B 77 3.32 -34.48 -30.38
C ASP B 77 2.05 -33.75 -29.95
N GLU B 78 2.01 -33.35 -28.68
CA GLU B 78 0.88 -32.63 -28.11
C GLU B 78 1.30 -31.21 -27.75
N TYR B 79 0.44 -30.25 -28.06
CA TYR B 79 0.71 -28.82 -27.85
C TYR B 79 -0.37 -28.17 -26.99
N ALA B 80 -0.04 -27.06 -26.31
CA ALA B 80 -0.96 -26.36 -25.45
C ALA B 80 -0.56 -24.90 -25.24
N CYS B 81 -1.54 -24.11 -24.81
CA CYS B 81 -1.32 -22.74 -24.44
C CYS B 81 -1.56 -22.56 -22.94
N ARG B 82 -0.62 -21.99 -22.21
CA ARG B 82 -0.82 -21.75 -20.79
C ARG B 82 -0.84 -20.24 -20.51
N VAL B 83 -1.88 -19.77 -19.84
CA VAL B 83 -2.06 -18.34 -19.58
C VAL B 83 -2.17 -18.00 -18.11
N ASN B 84 -1.53 -16.90 -17.71
CA ASN B 84 -1.70 -16.43 -16.33
C ASN B 84 -2.12 -14.95 -16.32
N HIS B 85 -3.02 -14.63 -15.39
CA HIS B 85 -3.59 -13.29 -15.35
C HIS B 85 -4.14 -13.01 -13.95
N VAL B 86 -4.32 -11.75 -13.54
CA VAL B 86 -4.85 -11.52 -12.20
C VAL B 86 -6.22 -12.14 -11.93
N THR B 87 -7.07 -12.35 -12.91
CA THR B 87 -8.38 -12.93 -12.75
C THR B 87 -8.40 -14.44 -12.53
N LEU B 88 -7.28 -15.12 -12.63
CA LEU B 88 -7.20 -16.57 -12.52
C LEU B 88 -6.46 -17.03 -11.28
N SER B 89 -7.06 -17.90 -10.47
CA SER B 89 -6.42 -18.43 -9.28
C SER B 89 -5.24 -19.33 -9.64
N GLN B 90 -5.37 -20.11 -10.70
CA GLN B 90 -4.33 -20.99 -11.22
C GLN B 90 -4.12 -20.69 -12.71
N PRO B 91 -2.98 -21.10 -13.25
CA PRO B 91 -2.72 -20.98 -14.68
C PRO B 91 -3.74 -21.79 -15.47
N LYS B 92 -4.33 -21.19 -16.49
CA LYS B 92 -5.30 -21.87 -17.34
C LYS B 92 -4.58 -22.49 -18.55
N ILE B 93 -4.79 -23.80 -18.72
CA ILE B 93 -4.18 -24.55 -19.78
C ILE B 93 -5.21 -25.09 -20.78
N VAL B 94 -5.01 -24.73 -22.04
CA VAL B 94 -5.88 -25.18 -23.12
C VAL B 94 -5.06 -26.00 -24.11
N LYS B 95 -5.50 -27.19 -24.42
CA LYS B 95 -4.82 -28.08 -25.33
C LYS B 95 -5.24 -27.78 -26.77
N TRP B 96 -4.24 -27.90 -27.64
CA TRP B 96 -4.50 -27.77 -29.07
C TRP B 96 -5.24 -29.03 -29.55
N ASP B 97 -6.28 -28.83 -30.32
CA ASP B 97 -7.09 -29.87 -30.97
C ASP B 97 -7.12 -29.50 -32.45
N ARG B 98 -6.74 -30.41 -33.35
CA ARG B 98 -6.64 -30.03 -34.77
C ARG B 98 -7.96 -29.68 -35.44
N ASP B 99 -9.13 -30.12 -34.96
CA ASP B 99 -10.38 -29.61 -35.52
C ASP B 99 -10.94 -28.49 -34.67
N MET B 100 -10.12 -27.60 -34.11
CA MET B 100 -10.62 -26.48 -33.31
C MET B 100 -9.72 -25.26 -33.49
N PHE C 1 -1.21 8.82 -40.63
CA PHE C 1 -0.71 10.16 -40.19
C PHE C 1 -1.36 10.55 -38.86
N ALA C 2 -0.59 10.67 -37.80
CA ALA C 2 -1.07 11.01 -36.47
C ALA C 2 -1.29 12.50 -36.32
N PRO C 3 -2.25 12.94 -35.51
CA PRO C 3 -2.51 14.34 -35.23
C PRO C 3 -1.30 14.96 -34.53
N GLY C 4 -1.15 16.26 -34.79
CA GLY C 4 -0.03 17.03 -34.28
C GLY C 4 -0.44 18.06 -33.25
N PHE C 5 -1.52 17.80 -32.52
CA PHE C 5 -1.94 18.68 -31.42
C PHE C 5 -2.17 17.74 -30.23
N PHE C 6 -1.58 18.11 -29.11
CA PHE C 6 -1.49 17.34 -27.88
C PHE C 6 -2.08 17.95 -26.61
N PRO C 7 -3.37 17.77 -26.39
CA PRO C 7 -4.07 18.31 -25.24
C PRO C 7 -3.82 17.49 -23.98
N TYR C 8 -4.08 18.07 -22.82
CA TYR C 8 -3.89 17.42 -21.54
C TYR C 8 -5.22 17.21 -20.82
N LEU C 9 -5.36 16.09 -20.09
CA LEU C 9 -6.60 15.95 -19.30
C LEU C 9 -6.65 16.97 -18.16
N GLY D 1 16.39 -6.96 47.05
CA GLY D 1 16.74 -5.97 46.03
C GLY D 1 16.19 -4.61 46.51
N SER D 2 16.83 -3.57 46.02
CA SER D 2 16.46 -2.17 46.34
C SER D 2 15.05 -1.87 45.81
N HIS D 3 14.45 -0.83 46.36
CA HIS D 3 13.08 -0.40 45.96
C HIS D 3 12.95 1.10 46.01
N SER D 4 11.92 1.61 45.36
CA SER D 4 11.68 3.05 45.34
C SER D 4 10.21 3.43 45.28
N MET D 5 9.91 4.66 45.68
CA MET D 5 8.59 5.26 45.58
C MET D 5 8.73 6.63 44.91
N ARG D 6 7.89 6.95 43.94
CA ARG D 6 8.00 8.25 43.29
C ARG D 6 6.66 8.88 42.97
N TYR D 7 6.57 10.21 43.04
CA TYR D 7 5.41 10.97 42.63
C TYR D 7 5.82 11.97 41.53
N PHE D 8 5.12 11.94 40.40
CA PHE D 8 5.38 12.83 39.27
C PHE D 8 4.17 13.72 39.00
N PHE D 9 4.36 15.04 38.98
CA PHE D 9 3.30 16.00 38.75
C PHE D 9 3.54 16.96 37.58
N THR D 10 2.55 17.14 36.72
CA THR D 10 2.65 17.96 35.53
C THR D 10 1.56 19.03 35.48
N SER D 11 1.95 20.29 35.34
CA SER D 11 1.00 21.38 35.18
C SER D 11 1.14 22.10 33.84
N VAL D 12 0.06 22.26 33.08
CA VAL D 12 0.18 22.93 31.76
C VAL D 12 -0.82 24.06 31.61
N SER D 13 -0.39 25.29 31.37
CA SER D 13 -1.31 26.40 31.14
C SER D 13 -1.90 26.42 29.74
N ARG D 14 -3.15 26.88 29.66
CA ARG D 14 -3.89 26.96 28.41
C ARG D 14 -4.57 28.33 28.28
N PRO D 15 -3.77 29.32 27.93
CA PRO D 15 -4.22 30.70 27.91
C PRO D 15 -5.54 30.87 27.21
N GLY D 16 -6.53 31.22 28.02
CA GLY D 16 -7.89 31.44 27.59
C GLY D 16 -8.71 30.19 27.31
N ARG D 17 -8.27 28.99 27.67
CA ARG D 17 -9.13 27.81 27.40
C ARG D 17 -9.42 27.12 28.74
N GLY D 18 -9.67 27.96 29.74
CA GLY D 18 -9.92 27.47 31.10
C GLY D 18 -8.64 27.36 31.91
N GLU D 19 -8.72 27.02 33.19
CA GLU D 19 -7.56 26.85 34.04
C GLU D 19 -6.58 25.79 33.52
N PRO D 20 -5.40 25.78 34.13
CA PRO D 20 -4.34 24.87 33.76
C PRO D 20 -4.72 23.40 33.98
N ARG D 21 -4.15 22.55 33.13
CA ARG D 21 -4.29 21.11 33.27
C ARG D 21 -3.27 20.60 34.28
N PHE D 22 -3.68 19.74 35.20
CA PHE D 22 -2.75 19.18 36.17
C PHE D 22 -2.90 17.65 36.23
N ILE D 23 -1.81 16.91 36.08
CA ILE D 23 -1.84 15.45 36.12
C ILE D 23 -0.86 14.93 37.17
N ALA D 24 -1.36 14.06 38.05
CA ALA D 24 -0.50 13.47 39.07
C ALA D 24 -0.47 11.94 38.99
N VAL D 25 0.74 11.38 39.02
CA VAL D 25 0.94 9.94 39.07
C VAL D 25 1.95 9.52 40.14
N GLY D 26 1.74 8.33 40.68
CA GLY D 26 2.53 7.68 41.69
C GLY D 26 2.96 6.26 41.31
N TYR D 27 4.22 5.91 41.57
CA TYR D 27 4.81 4.63 41.31
C TYR D 27 5.55 3.99 42.49
N VAL D 28 5.60 2.68 42.48
CA VAL D 28 6.38 1.85 43.38
C VAL D 28 7.27 1.01 42.42
N ASP D 29 8.57 1.27 42.43
CA ASP D 29 9.47 0.64 41.47
C ASP D 29 8.92 0.96 40.07
N ASP D 30 8.66 -0.03 39.22
CA ASP D 30 8.11 0.26 37.90
C ASP D 30 6.60 0.03 37.78
N THR D 31 5.89 -0.10 38.91
CA THR D 31 4.44 -0.34 38.88
C THR D 31 3.69 0.92 39.29
N GLN D 32 2.80 1.44 38.44
CA GLN D 32 2.07 2.66 38.76
C GLN D 32 0.92 2.32 39.71
N PHE D 33 0.59 3.09 40.73
CA PHE D 33 -0.53 2.70 41.59
C PHE D 33 -1.62 3.71 41.80
N VAL D 34 -1.46 4.99 41.47
CA VAL D 34 -2.48 5.98 41.61
C VAL D 34 -2.39 7.06 40.51
N ARG D 35 -3.45 7.85 40.38
CA ARG D 35 -3.46 8.97 39.45
C ARG D 35 -4.49 10.02 39.90
N PHE D 36 -4.31 11.23 39.42
CA PHE D 36 -5.23 12.32 39.53
C PHE D 36 -5.19 13.14 38.24
N ASP D 37 -6.36 13.43 37.69
CA ASP D 37 -6.39 14.27 36.48
C ASP D 37 -7.44 15.34 36.67
N SER D 38 -7.02 16.59 36.64
CA SER D 38 -7.90 17.76 36.79
C SER D 38 -8.99 17.83 35.73
N ASP D 39 -8.89 17.19 34.57
CA ASP D 39 -9.95 17.26 33.58
C ASP D 39 -11.02 16.22 33.87
N ALA D 40 -10.73 15.16 34.61
CA ALA D 40 -11.69 14.07 34.79
C ALA D 40 -12.87 14.43 35.68
N ALA D 41 -13.89 13.59 35.62
CA ALA D 41 -15.11 13.88 36.37
C ALA D 41 -15.02 13.58 37.86
N SER D 42 -14.39 12.49 38.28
CA SER D 42 -14.39 12.16 39.71
C SER D 42 -13.86 13.25 40.62
N GLN D 43 -12.76 13.88 40.27
CA GLN D 43 -12.05 14.87 41.05
C GLN D 43 -11.47 14.22 42.31
N ARG D 44 -11.02 12.98 42.19
CA ARG D 44 -10.45 12.23 43.30
C ARG D 44 -9.19 11.49 42.92
N MET D 45 -8.37 11.09 43.89
CA MET D 45 -7.20 10.26 43.63
C MET D 45 -7.76 8.89 43.24
N GLU D 46 -7.21 8.15 42.29
CA GLU D 46 -7.81 6.88 41.85
C GLU D 46 -6.80 5.75 41.78
N PRO D 47 -7.23 4.53 42.08
CA PRO D 47 -6.38 3.36 42.08
C PRO D 47 -5.98 2.91 40.68
N ARG D 48 -4.75 2.46 40.47
CA ARG D 48 -4.31 2.00 39.16
C ARG D 48 -3.64 0.64 39.26
N ALA D 49 -3.62 0.09 40.47
CA ALA D 49 -3.13 -1.27 40.71
C ALA D 49 -4.07 -1.92 41.72
N PRO D 50 -4.28 -3.22 41.58
CA PRO D 50 -5.19 -3.96 42.42
C PRO D 50 -4.85 -3.94 43.88
N TRP D 51 -3.59 -3.95 44.29
CA TRP D 51 -3.24 -3.97 45.70
C TRP D 51 -3.56 -2.75 46.53
N ILE D 52 -3.81 -1.58 45.94
CA ILE D 52 -4.04 -0.38 46.74
C ILE D 52 -5.54 -0.12 46.86
N GLU D 53 -6.28 -0.87 46.05
CA GLU D 53 -7.71 -0.74 45.92
C GLU D 53 -8.52 -1.00 47.17
N GLN D 54 -8.03 -1.83 48.08
CA GLN D 54 -8.79 -2.02 49.31
C GLN D 54 -8.30 -1.18 50.48
N GLU D 55 -7.53 -0.11 50.26
CA GLU D 55 -7.19 0.80 51.36
C GLU D 55 -8.56 1.43 51.66
N GLY D 56 -8.90 1.75 52.89
CA GLY D 56 -10.24 2.30 53.14
C GLY D 56 -10.45 3.72 52.64
N PRO D 57 -11.65 4.26 52.95
CA PRO D 57 -12.05 5.60 52.58
C PRO D 57 -11.22 6.68 53.23
N GLU D 58 -10.67 6.48 54.42
CA GLU D 58 -9.83 7.49 55.05
C GLU D 58 -8.56 7.70 54.23
N TYR D 59 -7.96 6.62 53.68
CA TYR D 59 -6.79 6.79 52.82
C TYR D 59 -7.16 7.57 51.56
N TRP D 60 -8.22 7.14 50.86
CA TRP D 60 -8.62 7.81 49.63
C TRP D 60 -8.94 9.28 49.86
N ASP D 61 -9.75 9.62 50.88
CA ASP D 61 -10.08 10.99 51.17
C ASP D 61 -8.82 11.82 51.47
N GLY D 62 -7.88 11.34 52.26
CA GLY D 62 -6.68 12.09 52.56
C GLY D 62 -5.81 12.30 51.32
N GLU D 63 -5.61 11.28 50.50
CA GLU D 63 -4.83 11.47 49.27
C GLU D 63 -5.51 12.47 48.32
N THR D 64 -6.84 12.44 48.24
CA THR D 64 -7.60 13.35 47.40
C THR D 64 -7.45 14.79 47.91
N ARG D 65 -7.55 15.03 49.22
CA ARG D 65 -7.37 16.38 49.73
C ARG D 65 -5.96 16.88 49.46
N LYS D 66 -4.93 16.07 49.71
CA LYS D 66 -3.56 16.47 49.41
C LYS D 66 -3.32 16.78 47.95
N VAL D 67 -3.75 15.96 47.00
CA VAL D 67 -3.50 16.20 45.58
C VAL D 67 -4.26 17.39 45.02
N LYS D 68 -5.41 17.74 45.59
CA LYS D 68 -6.14 18.93 45.21
C LYS D 68 -5.34 20.18 45.65
N ALA D 69 -4.75 20.12 46.83
CA ALA D 69 -3.96 21.20 47.40
C ALA D 69 -2.70 21.47 46.56
N HIS D 70 -2.07 20.43 46.04
CA HIS D 70 -0.92 20.55 45.17
C HIS D 70 -1.30 21.16 43.82
N SER D 71 -2.50 20.80 43.36
CA SER D 71 -3.01 21.34 42.10
C SER D 71 -3.01 22.87 42.20
N GLN D 72 -3.73 23.35 43.23
CA GLN D 72 -3.85 24.78 43.46
C GLN D 72 -2.52 25.50 43.66
N THR D 73 -1.49 24.90 44.23
CA THR D 73 -0.20 25.55 44.38
C THR D 73 0.44 25.74 43.00
N HIS D 74 0.23 24.77 42.10
CA HIS D 74 0.79 24.83 40.77
C HIS D 74 0.05 25.87 39.92
N ARG D 75 -1.20 26.20 40.25
CA ARG D 75 -1.91 27.25 39.54
C ARG D 75 -1.26 28.59 39.86
N VAL D 76 -0.91 28.81 41.13
CA VAL D 76 -0.27 30.05 41.51
C VAL D 76 1.16 30.11 40.99
N ASP D 77 1.86 28.97 41.05
CA ASP D 77 3.21 28.91 40.53
C ASP D 77 3.27 29.31 39.06
N LEU D 78 2.37 28.91 38.18
CA LEU D 78 2.51 29.31 36.77
C LEU D 78 2.50 30.82 36.52
N GLY D 79 1.68 31.56 37.26
CA GLY D 79 1.67 33.02 37.23
C GLY D 79 2.97 33.59 37.77
N THR D 80 3.42 33.10 38.92
CA THR D 80 4.69 33.57 39.51
C THR D 80 5.87 33.48 38.55
N LEU D 81 6.14 32.34 37.93
CA LEU D 81 7.24 32.19 36.98
C LEU D 81 7.09 33.10 35.77
N ARG D 82 5.83 33.29 35.34
CA ARG D 82 5.50 34.19 34.25
C ARG D 82 6.02 35.60 34.58
N GLY D 83 5.88 36.04 35.81
CA GLY D 83 6.42 37.30 36.25
C GLY D 83 7.93 37.25 36.33
N TYR D 84 8.50 36.22 36.97
CA TYR D 84 9.95 36.09 37.09
C TYR D 84 10.65 36.12 35.73
N TYR D 85 10.05 35.67 34.63
CA TYR D 85 10.73 35.72 33.34
C TYR D 85 10.10 36.78 32.45
N ASN D 86 9.15 37.52 33.00
CA ASN D 86 8.46 38.55 32.24
C ASN D 86 8.03 38.00 30.88
N GLN D 87 7.16 36.97 30.92
CA GLN D 87 6.67 36.36 29.70
C GLN D 87 5.25 36.83 29.40
N SER D 88 4.78 36.71 28.17
CA SER D 88 3.38 37.12 27.97
C SER D 88 2.41 36.12 28.58
N GLU D 89 1.15 36.53 28.64
CA GLU D 89 0.05 35.69 29.12
C GLU D 89 -0.55 34.88 27.97
N ALA D 90 -0.03 35.11 26.77
CA ALA D 90 -0.46 34.40 25.58
C ALA D 90 0.06 32.97 25.50
N GLY D 91 1.34 32.71 25.72
CA GLY D 91 1.94 31.40 25.54
C GLY D 91 1.59 30.35 26.57
N SER D 92 1.78 29.09 26.17
CA SER D 92 1.53 27.92 27.00
C SER D 92 2.82 27.56 27.72
N HIS D 93 2.80 27.31 29.01
CA HIS D 93 3.99 26.98 29.77
C HIS D 93 3.77 25.70 30.57
N THR D 94 4.85 25.02 30.93
CA THR D 94 4.83 23.76 31.62
C THR D 94 5.67 23.74 32.90
N VAL D 95 5.11 23.33 34.03
CA VAL D 95 5.82 23.10 35.28
C VAL D 95 5.83 21.61 35.62
N GLN D 96 6.96 21.03 36.00
CA GLN D 96 7.03 19.62 36.36
C GLN D 96 7.65 19.52 37.76
N ARG D 97 7.16 18.56 38.55
CA ARG D 97 7.68 18.40 39.91
C ARG D 97 7.79 16.92 40.28
N MET D 98 8.88 16.52 40.90
CA MET D 98 9.07 15.13 41.29
C MET D 98 9.60 15.03 42.73
N TYR D 99 9.27 13.95 43.40
CA TYR D 99 9.83 13.62 44.70
C TYR D 99 9.78 12.09 44.87
N GLY D 100 10.69 11.63 45.72
CA GLY D 100 10.83 10.21 45.97
C GLY D 100 11.91 9.86 46.99
N CYS D 101 11.91 8.57 47.32
CA CYS D 101 12.83 7.96 48.25
C CYS D 101 13.24 6.59 47.73
N ASP D 102 14.49 6.23 47.96
CA ASP D 102 14.99 4.90 47.60
C ASP D 102 15.38 4.17 48.88
N VAL D 103 15.19 2.86 48.97
CA VAL D 103 15.60 2.08 50.12
C VAL D 103 16.47 0.93 49.56
N GLY D 104 17.43 0.47 50.36
CA GLY D 104 18.33 -0.61 49.94
C GLY D 104 17.76 -2.00 50.10
N SER D 105 18.62 -3.00 49.93
CA SER D 105 18.25 -4.40 50.05
C SER D 105 17.73 -4.76 51.44
N ASP D 106 18.21 -4.04 52.45
CA ASP D 106 17.75 -4.18 53.82
C ASP D 106 16.48 -3.39 54.12
N TRP D 107 15.92 -2.69 53.15
CA TRP D 107 14.75 -1.84 53.26
C TRP D 107 14.98 -0.59 54.12
N ARG D 108 16.20 -0.19 54.39
CA ARG D 108 16.43 1.05 55.12
C ARG D 108 16.74 2.18 54.11
N PHE D 109 16.42 3.40 54.45
CA PHE D 109 16.67 4.58 53.66
C PHE D 109 18.06 4.65 53.03
N LEU D 110 18.10 4.96 51.74
CA LEU D 110 19.34 5.10 50.98
C LEU D 110 19.44 6.49 50.37
N ARG D 111 18.38 7.05 49.79
CA ARG D 111 18.45 8.38 49.19
C ARG D 111 17.09 9.03 49.01
N GLY D 112 17.00 10.36 49.01
CA GLY D 112 15.78 11.12 48.85
C GLY D 112 15.89 12.13 47.71
N TYR D 113 14.79 12.46 47.05
CA TYR D 113 14.72 13.33 45.90
C TYR D 113 13.56 14.34 45.94
N HIS D 114 13.83 15.50 45.34
CA HIS D 114 12.83 16.56 45.24
C HIS D 114 13.33 17.63 44.24
N GLN D 115 12.66 17.79 43.10
CA GLN D 115 13.12 18.80 42.15
C GLN D 115 12.06 19.33 41.20
N TYR D 116 12.33 20.50 40.58
CA TYR D 116 11.36 21.13 39.71
C TYR D 116 12.01 21.53 38.37
N ALA D 117 11.20 21.54 37.31
CA ALA D 117 11.62 21.97 35.99
C ALA D 117 10.60 22.97 35.44
N TYR D 118 11.11 23.93 34.67
CA TYR D 118 10.21 24.90 34.01
C TYR D 118 10.45 24.83 32.51
N ASP D 119 9.39 24.57 31.74
CA ASP D 119 9.48 24.37 30.31
C ASP D 119 10.61 23.44 29.89
N GLY D 120 10.77 22.27 30.53
CA GLY D 120 11.77 21.30 30.19
C GLY D 120 13.17 21.47 30.72
N LYS D 121 13.49 22.51 31.46
CA LYS D 121 14.82 22.66 32.03
C LYS D 121 14.83 22.74 33.56
N ASP D 122 15.90 22.25 34.16
CA ASP D 122 16.10 22.29 35.60
C ASP D 122 15.83 23.69 36.10
N TYR D 123 15.04 23.84 37.13
CA TYR D 123 14.80 25.10 37.80
C TYR D 123 15.40 25.04 39.20
N ILE D 124 14.87 24.18 40.09
CA ILE D 124 15.47 24.07 41.44
C ILE D 124 15.46 22.62 41.90
N ALA D 125 16.50 22.23 42.64
CA ALA D 125 16.61 20.90 43.17
C ALA D 125 17.15 20.78 44.60
N LEU D 126 16.64 19.85 45.41
CA LEU D 126 17.17 19.61 46.76
C LEU D 126 18.47 18.83 46.60
N LYS D 127 19.57 19.17 47.27
CA LYS D 127 20.76 18.33 47.10
C LYS D 127 20.63 17.03 47.89
N GLU D 128 21.58 16.11 47.71
CA GLU D 128 21.60 14.82 48.35
C GLU D 128 21.70 14.85 49.88
N ASP D 129 22.30 15.90 50.43
CA ASP D 129 22.43 16.10 51.85
C ASP D 129 21.10 16.44 52.51
N LEU D 130 20.09 16.78 51.72
CA LEU D 130 18.75 17.18 52.08
C LEU D 130 18.67 18.43 52.93
N ARG D 131 19.69 19.28 52.92
CA ARG D 131 19.76 20.57 53.58
C ARG D 131 20.03 21.73 52.61
N SER D 132 20.59 21.51 51.45
CA SER D 132 20.93 22.56 50.49
C SER D 132 20.11 22.46 49.18
N TRP D 133 20.09 23.59 48.44
CA TRP D 133 19.40 23.69 47.18
C TRP D 133 20.30 24.08 46.00
N THR D 134 20.01 23.54 44.82
CA THR D 134 20.75 23.90 43.61
C THR D 134 19.84 24.80 42.78
N ALA D 135 20.16 26.04 42.57
CA ALA D 135 19.32 26.95 41.80
C ALA D 135 19.91 27.13 40.41
N ALA D 136 19.09 26.86 39.40
CA ALA D 136 19.55 26.96 38.02
C ALA D 136 19.88 28.35 37.51
N ASP D 137 19.21 29.40 37.97
CA ASP D 137 19.42 30.73 37.44
C ASP D 137 18.96 31.80 38.43
N MET D 138 18.99 33.03 37.95
CA MET D 138 18.56 34.21 38.69
C MET D 138 17.17 34.09 39.26
N ALA D 139 16.20 33.71 38.42
CA ALA D 139 14.84 33.51 38.93
C ALA D 139 14.80 32.45 40.03
N ALA D 140 15.56 31.35 39.86
CA ALA D 140 15.51 30.28 40.85
C ALA D 140 16.21 30.65 42.15
N GLN D 141 17.14 31.61 42.13
CA GLN D 141 17.81 32.03 43.36
C GLN D 141 16.79 32.70 44.26
N THR D 142 15.79 33.37 43.70
CA THR D 142 14.72 34.03 44.43
C THR D 142 13.85 33.02 45.17
N THR D 143 13.52 31.90 44.51
CA THR D 143 12.82 30.81 45.14
C THR D 143 13.69 30.21 46.25
N LYS D 144 14.98 30.04 45.99
CA LYS D 144 15.88 29.44 46.94
C LYS D 144 16.00 30.23 48.23
N HIS D 145 16.06 31.55 48.11
CA HIS D 145 16.13 32.42 49.28
C HIS D 145 14.83 32.31 50.07
N LYS D 146 13.70 32.33 49.38
CA LYS D 146 12.42 32.22 50.07
C LYS D 146 12.37 30.91 50.87
N TRP D 147 12.73 29.81 50.21
CA TRP D 147 12.66 28.49 50.85
C TRP D 147 13.64 28.28 51.98
N GLU D 148 14.76 29.00 51.95
CA GLU D 148 15.77 28.93 52.98
C GLU D 148 15.27 29.64 54.24
N ALA D 149 14.60 30.76 54.09
CA ALA D 149 14.08 31.55 55.19
C ALA D 149 12.90 30.93 55.90
N ALA D 150 12.09 30.19 55.15
CA ALA D 150 10.95 29.46 55.65
C ALA D 150 11.34 28.03 56.01
N HIS D 151 12.62 27.71 55.99
CA HIS D 151 13.08 26.37 56.40
C HIS D 151 12.30 25.25 55.74
N VAL D 152 12.23 25.24 54.41
CA VAL D 152 11.50 24.24 53.65
C VAL D 152 12.28 22.92 53.56
N ALA D 153 13.61 22.98 53.49
CA ALA D 153 14.40 21.76 53.39
C ALA D 153 14.21 20.84 54.59
N GLU D 154 14.13 21.36 55.80
CA GLU D 154 13.95 20.60 57.01
C GLU D 154 12.66 19.81 56.98
N GLN D 155 11.62 20.47 56.46
CA GLN D 155 10.30 19.85 56.35
C GLN D 155 10.32 18.72 55.33
N LEU D 156 10.99 18.94 54.18
CA LEU D 156 11.08 17.88 53.19
C LEU D 156 11.89 16.69 53.66
N ARG D 157 13.00 16.93 54.35
CA ARG D 157 13.83 15.83 54.86
C ARG D 157 13.06 14.89 55.79
N ALA D 158 12.24 15.35 56.72
CA ALA D 158 11.42 14.49 57.57
C ALA D 158 10.48 13.60 56.77
N TYR D 159 9.92 14.11 55.67
CA TYR D 159 9.07 13.30 54.81
C TYR D 159 9.87 12.22 54.07
N LEU D 160 10.94 12.62 53.39
CA LEU D 160 11.69 11.71 52.53
C LEU D 160 12.38 10.59 53.29
N GLU D 161 12.97 10.90 54.44
CA GLU D 161 13.62 9.90 55.27
C GLU D 161 12.66 9.21 56.25
N GLY D 162 11.42 9.67 56.37
CA GLY D 162 10.53 9.08 57.38
C GLY D 162 9.29 8.48 56.73
N THR D 163 8.23 9.27 56.66
CA THR D 163 6.97 8.92 56.04
C THR D 163 7.12 8.22 54.69
N CYS D 164 7.90 8.73 53.76
CA CYS D 164 8.07 8.12 52.44
C CYS D 164 8.47 6.64 52.54
N VAL D 165 9.49 6.36 53.34
CA VAL D 165 10.02 5.01 53.54
C VAL D 165 9.06 4.10 54.30
N GLU D 166 8.28 4.66 55.23
CA GLU D 166 7.34 3.86 56.00
C GLU D 166 6.20 3.36 55.11
N TRP D 167 5.65 4.26 54.28
CA TRP D 167 4.57 3.85 53.39
C TRP D 167 5.10 2.96 52.28
N LEU D 168 6.33 3.15 51.82
CA LEU D 168 6.95 2.29 50.81
C LEU D 168 6.99 0.84 51.31
N ARG D 169 7.50 0.64 52.52
CA ARG D 169 7.55 -0.68 53.13
C ARG D 169 6.15 -1.26 53.34
N ARG D 170 5.19 -0.46 53.79
CA ARG D 170 3.80 -0.91 53.93
C ARG D 170 3.25 -1.42 52.61
N TYR D 171 3.43 -0.65 51.55
CA TYR D 171 3.03 -1.03 50.21
C TYR D 171 3.77 -2.30 49.77
N LEU D 172 5.06 -2.40 50.04
CA LEU D 172 5.83 -3.59 49.65
C LEU D 172 5.22 -4.85 50.30
N GLU D 173 4.80 -4.77 51.57
CA GLU D 173 4.15 -5.85 52.26
C GLU D 173 2.75 -6.17 51.71
N ASN D 174 1.91 -5.14 51.54
CA ASN D 174 0.53 -5.35 51.12
C ASN D 174 0.41 -5.79 49.68
N GLY D 175 1.30 -5.31 48.82
CA GLY D 175 1.22 -5.73 47.40
C GLY D 175 2.33 -6.72 47.09
N LYS D 176 2.76 -7.51 48.07
CA LYS D 176 3.88 -8.40 47.87
C LYS D 176 3.83 -9.23 46.61
N GLU D 177 2.73 -9.90 46.31
CA GLU D 177 2.57 -10.72 45.14
C GLU D 177 3.01 -10.00 43.87
N THR D 178 2.52 -8.76 43.69
CA THR D 178 2.93 -7.96 42.54
C THR D 178 4.30 -7.34 42.75
N LEU D 179 4.48 -6.61 43.84
CA LEU D 179 5.73 -5.87 44.05
C LEU D 179 6.99 -6.61 44.42
N GLN D 180 6.90 -7.76 45.10
CA GLN D 180 8.14 -8.46 45.45
C GLN D 180 8.37 -9.60 44.47
N ARG D 181 7.75 -9.54 43.29
CA ARG D 181 7.88 -10.58 42.28
C ARG D 181 9.06 -10.29 41.36
N THR D 182 9.33 -11.26 40.50
CA THR D 182 10.37 -11.12 39.50
C THR D 182 9.97 -11.98 38.32
N ASP D 183 9.91 -11.41 37.11
CA ASP D 183 9.54 -12.22 35.94
C ASP D 183 10.73 -12.23 34.96
N ALA D 184 11.34 -13.40 34.83
CA ALA D 184 12.41 -13.62 33.88
C ALA D 184 11.90 -13.45 32.46
N PRO D 185 12.74 -12.84 31.62
CA PRO D 185 12.41 -12.64 30.22
C PRO D 185 12.31 -13.94 29.44
N LYS D 186 11.32 -14.00 28.57
CA LYS D 186 11.17 -15.12 27.63
C LYS D 186 12.01 -14.67 26.42
N THR D 187 13.02 -15.45 26.05
CA THR D 187 13.91 -15.04 24.99
C THR D 187 13.83 -15.88 23.72
N HIS D 188 14.29 -15.35 22.58
CA HIS D 188 14.29 -16.07 21.32
C HIS D 188 14.94 -15.18 20.26
N MET D 189 15.40 -15.76 19.16
CA MET D 189 16.04 -15.07 18.07
C MET D 189 15.27 -15.28 16.76
N THR D 190 15.29 -14.34 15.84
CA THR D 190 14.69 -14.44 14.52
C THR D 190 15.82 -14.17 13.48
N HIS D 191 15.70 -14.68 12.27
CA HIS D 191 16.72 -14.55 11.24
C HIS D 191 16.07 -14.10 9.94
N HIS D 192 16.54 -13.08 9.26
CA HIS D 192 15.84 -12.64 8.05
C HIS D 192 16.81 -12.14 7.00
N ALA D 193 16.74 -12.74 5.81
CA ALA D 193 17.64 -12.33 4.71
C ALA D 193 17.26 -10.95 4.24
N VAL D 194 18.24 -10.05 4.14
CA VAL D 194 17.99 -8.70 3.67
C VAL D 194 18.47 -8.63 2.23
N SER D 195 19.49 -9.42 1.93
CA SER D 195 20.11 -9.53 0.63
C SER D 195 20.62 -10.95 0.39
N ASP D 196 21.43 -11.11 -0.68
CA ASP D 196 21.96 -12.45 -0.96
C ASP D 196 23.20 -12.77 -0.16
N HIS D 197 23.81 -11.79 0.53
CA HIS D 197 25.00 -12.07 1.33
C HIS D 197 25.01 -11.42 2.70
N GLU D 198 23.86 -10.97 3.19
CA GLU D 198 23.78 -10.40 4.53
C GLU D 198 22.47 -10.81 5.18
N ALA D 199 22.48 -10.89 6.52
CA ALA D 199 21.20 -11.20 7.19
C ALA D 199 21.12 -10.46 8.53
N THR D 200 19.90 -10.19 8.96
CA THR D 200 19.64 -9.53 10.23
C THR D 200 19.37 -10.54 11.33
N LEU D 201 20.14 -10.59 12.40
CA LEU D 201 19.84 -11.50 13.52
C LEU D 201 19.24 -10.63 14.64
N ARG D 202 18.04 -10.94 15.12
CA ARG D 202 17.42 -10.12 16.17
C ARG D 202 17.27 -10.91 17.47
N CYS D 203 17.69 -10.39 18.61
CA CYS D 203 17.58 -11.11 19.88
C CYS D 203 16.49 -10.49 20.76
N TRP D 204 15.49 -11.26 21.13
CA TRP D 204 14.34 -10.75 21.89
C TRP D 204 14.28 -11.11 23.38
N ALA D 205 13.74 -10.20 24.19
CA ALA D 205 13.42 -10.45 25.58
C ALA D 205 11.99 -9.98 25.87
N LEU D 206 11.09 -10.90 26.27
CA LEU D 206 9.69 -10.51 26.48
C LEU D 206 9.13 -10.81 27.88
N SER D 207 8.00 -10.23 28.24
CA SER D 207 7.32 -10.37 29.51
C SER D 207 8.21 -10.39 30.75
N PHE D 208 9.10 -9.42 30.91
CA PHE D 208 9.98 -9.38 32.07
C PHE D 208 9.55 -8.28 33.04
N TYR D 209 9.97 -8.37 34.27
CA TYR D 209 9.72 -7.39 35.34
C TYR D 209 10.79 -7.66 36.40
N PRO D 210 11.46 -6.63 36.90
CA PRO D 210 11.22 -5.25 36.54
C PRO D 210 11.87 -4.87 35.23
N ALA D 211 11.91 -3.58 34.88
CA ALA D 211 12.38 -3.04 33.62
C ALA D 211 13.87 -3.12 33.33
N GLU D 212 14.73 -2.99 34.32
CA GLU D 212 16.18 -3.07 34.18
C GLU D 212 16.60 -4.39 33.54
N ILE D 213 17.42 -4.33 32.50
CA ILE D 213 17.90 -5.47 31.75
C ILE D 213 19.14 -5.10 30.94
N THR D 214 20.02 -6.06 30.67
CA THR D 214 21.20 -5.83 29.85
C THR D 214 21.17 -6.88 28.72
N LEU D 215 21.14 -6.36 27.50
CA LEU D 215 21.01 -7.16 26.29
C LEU D 215 22.02 -6.77 25.21
N THR D 216 23.07 -7.56 24.99
CA THR D 216 24.11 -7.22 24.03
C THR D 216 24.49 -8.36 23.06
N TRP D 217 25.17 -8.00 21.97
CA TRP D 217 25.66 -9.01 21.02
C TRP D 217 27.20 -9.03 21.07
N GLN D 218 27.78 -10.19 20.79
CA GLN D 218 29.23 -10.35 20.68
C GLN D 218 29.61 -11.14 19.43
N ARG D 219 30.82 -10.98 18.92
CA ARG D 219 31.34 -11.67 17.76
C ARG D 219 32.70 -12.25 18.15
N ASP D 220 32.80 -13.56 18.33
CA ASP D 220 33.98 -14.19 18.89
C ASP D 220 34.26 -13.77 20.31
N GLY D 221 33.27 -13.33 21.10
CA GLY D 221 33.49 -12.89 22.46
C GLY D 221 33.81 -11.40 22.58
N GLU D 222 33.98 -10.68 21.48
CA GLU D 222 34.26 -9.25 21.50
C GLU D 222 32.97 -8.42 21.36
N ASP D 223 32.98 -7.33 22.11
CA ASP D 223 31.89 -6.36 22.16
C ASP D 223 31.57 -5.77 20.80
N GLN D 224 30.29 -5.70 20.44
CA GLN D 224 29.85 -5.14 19.18
C GLN D 224 28.98 -3.90 19.38
N THR D 225 29.14 -3.18 20.45
CA THR D 225 28.30 -2.03 20.76
C THR D 225 28.05 -1.05 19.63
N GLN D 226 29.05 -0.65 18.83
CA GLN D 226 28.72 0.28 17.75
C GLN D 226 27.98 -0.31 16.58
N ASP D 227 27.88 -1.64 16.43
CA ASP D 227 27.20 -2.22 15.29
C ASP D 227 25.86 -2.85 15.63
N THR D 228 25.40 -2.66 16.85
CA THR D 228 24.14 -3.22 17.34
C THR D 228 23.06 -2.12 17.31
N GLU D 229 21.88 -2.48 16.86
CA GLU D 229 20.75 -1.59 16.97
C GLU D 229 19.98 -2.05 18.24
N LEU D 230 19.84 -1.14 19.19
CA LEU D 230 19.21 -1.44 20.47
C LEU D 230 17.95 -0.62 20.63
N VAL D 231 16.75 -1.17 20.79
CA VAL D 231 15.59 -0.30 20.97
C VAL D 231 15.39 -0.01 22.47
N GLU D 232 14.63 1.07 22.73
CA GLU D 232 14.37 1.41 24.13
C GLU D 232 13.43 0.45 24.85
N THR D 233 13.77 0.08 26.08
CA THR D 233 12.89 -0.81 26.86
C THR D 233 11.46 -0.27 26.84
N ARG D 234 10.46 -1.08 26.50
CA ARG D 234 9.10 -0.59 26.45
C ARG D 234 8.06 -1.44 27.16
N PRO D 235 6.93 -0.81 27.49
CA PRO D 235 5.83 -1.46 28.18
C PRO D 235 4.94 -2.30 27.30
N ALA D 236 4.60 -3.52 27.78
CA ALA D 236 3.73 -4.41 27.01
C ALA D 236 2.26 -4.07 27.16
N GLY D 237 1.92 -3.35 28.23
CA GLY D 237 0.57 -2.93 28.53
C GLY D 237 -0.05 -3.72 29.68
N ASP D 238 0.59 -4.85 30.04
CA ASP D 238 0.08 -5.70 31.08
C ASP D 238 0.94 -5.71 32.33
N GLY D 239 1.80 -4.70 32.51
CA GLY D 239 2.65 -4.66 33.70
C GLY D 239 4.02 -5.26 33.40
N THR D 240 4.22 -5.83 32.21
CA THR D 240 5.55 -6.35 31.86
C THR D 240 6.20 -5.48 30.80
N PHE D 241 7.48 -5.70 30.51
CA PHE D 241 8.31 -5.00 29.56
C PHE D 241 8.88 -5.87 28.44
N GLN D 242 9.41 -5.20 27.40
CA GLN D 242 9.94 -5.83 26.20
C GLN D 242 11.22 -5.14 25.69
N LYS D 243 12.12 -5.87 25.03
CA LYS D 243 13.32 -5.25 24.49
C LYS D 243 13.98 -6.11 23.41
N TRP D 244 14.58 -5.52 22.38
CA TRP D 244 15.31 -6.32 21.39
C TRP D 244 16.64 -5.66 21.01
N ALA D 245 17.53 -6.46 20.45
CA ALA D 245 18.84 -6.06 19.96
C ALA D 245 19.17 -6.82 18.66
N ALA D 246 19.59 -6.10 17.63
CA ALA D 246 19.84 -6.69 16.34
C ALA D 246 21.19 -6.31 15.72
N VAL D 247 21.74 -7.22 14.93
CA VAL D 247 22.97 -7.07 14.20
C VAL D 247 22.79 -7.67 12.79
N VAL D 248 23.40 -7.04 11.82
CA VAL D 248 23.38 -7.44 10.42
C VAL D 248 24.68 -8.24 10.18
N VAL D 249 24.50 -9.50 9.85
CA VAL D 249 25.61 -10.44 9.69
C VAL D 249 25.85 -10.89 8.26
N PRO D 250 27.10 -11.07 7.86
CA PRO D 250 27.44 -11.63 6.55
C PRO D 250 27.02 -13.11 6.54
N SER D 251 26.24 -13.55 5.55
CA SER D 251 25.81 -14.96 5.53
C SER D 251 27.02 -15.88 5.61
N GLY D 252 26.90 -16.99 6.34
CA GLY D 252 28.06 -17.83 6.62
C GLY D 252 28.68 -17.54 7.98
N GLN D 253 28.46 -16.36 8.59
CA GLN D 253 29.09 -16.08 9.87
C GLN D 253 28.17 -16.15 11.07
N GLU D 254 26.95 -16.66 10.90
CA GLU D 254 25.97 -16.73 11.99
C GLU D 254 26.55 -17.32 13.27
N GLN D 255 27.28 -18.41 13.18
CA GLN D 255 27.93 -19.06 14.31
C GLN D 255 28.96 -18.26 15.07
N ARG D 256 29.47 -17.11 14.61
CA ARG D 256 30.43 -16.34 15.37
C ARG D 256 29.78 -15.43 16.43
N TYR D 257 28.48 -15.21 16.32
CA TYR D 257 27.73 -14.27 17.15
C TYR D 257 26.98 -14.89 18.32
N THR D 258 27.06 -14.28 19.51
CA THR D 258 26.32 -14.67 20.69
C THR D 258 25.50 -13.51 21.27
N CYS D 259 24.27 -13.77 21.70
CA CYS D 259 23.44 -12.75 22.34
C CYS D 259 23.50 -13.01 23.85
N HIS D 260 23.82 -11.99 24.63
CA HIS D 260 23.93 -12.07 26.07
C HIS D 260 22.82 -11.34 26.81
N VAL D 261 22.13 -12.04 27.71
CA VAL D 261 21.01 -11.45 28.46
C VAL D 261 21.25 -11.46 29.97
N GLN D 262 21.09 -10.30 30.60
CA GLN D 262 21.22 -10.20 32.05
C GLN D 262 19.99 -9.57 32.68
N HIS D 263 19.47 -10.23 33.70
CA HIS D 263 18.27 -9.76 34.40
C HIS D 263 18.11 -10.33 35.81
N GLU D 264 17.47 -9.62 36.73
CA GLU D 264 17.24 -10.08 38.11
C GLU D 264 16.53 -11.42 38.22
N GLY D 265 15.53 -11.71 37.40
CA GLY D 265 14.79 -12.94 37.36
C GLY D 265 15.48 -14.13 36.74
N LEU D 266 16.76 -14.09 36.40
CA LEU D 266 17.51 -15.22 35.86
C LEU D 266 18.50 -15.72 36.91
N PRO D 267 18.58 -17.03 37.07
CA PRO D 267 19.51 -17.64 38.02
C PRO D 267 20.96 -17.47 37.60
N LYS D 268 21.20 -17.37 36.28
CA LYS D 268 22.50 -17.13 35.71
C LYS D 268 22.32 -16.51 34.30
N PRO D 269 23.23 -15.64 33.92
CA PRO D 269 23.16 -14.96 32.62
C PRO D 269 23.01 -15.95 31.47
N LEU D 270 22.26 -15.60 30.43
CA LEU D 270 22.07 -16.47 29.28
C LEU D 270 23.00 -16.10 28.12
N THR D 271 23.32 -17.12 27.33
CA THR D 271 24.12 -17.03 26.13
C THR D 271 23.36 -17.71 25.00
N LEU D 272 22.90 -16.91 24.03
CA LEU D 272 22.13 -17.46 22.91
C LEU D 272 23.03 -17.45 21.68
N ARG D 273 22.91 -18.39 20.78
CA ARG D 273 23.70 -18.44 19.56
C ARG D 273 22.84 -19.07 18.47
N TRP D 274 22.63 -18.38 17.37
CA TRP D 274 21.82 -18.95 16.28
C TRP D 274 22.51 -20.23 15.84
N GLU D 275 21.78 -21.32 15.69
CA GLU D 275 22.39 -22.60 15.34
C GLU D 275 21.37 -23.74 15.40
N MET E 1 12.26 28.19 23.80
CA MET E 1 11.45 27.00 24.18
C MET E 1 12.18 25.71 23.82
N ILE E 2 12.38 24.86 24.84
CA ILE E 2 12.87 23.50 24.65
C ILE E 2 11.84 22.70 23.87
N GLN E 3 12.29 22.01 22.83
CA GLN E 3 11.37 21.22 22.01
C GLN E 3 12.08 19.91 21.66
N ARG E 4 11.49 18.79 22.04
CA ARG E 4 12.09 17.48 21.80
C ARG E 4 11.12 16.54 21.07
N THR E 5 11.63 15.89 20.03
CA THR E 5 10.85 15.06 19.13
C THR E 5 10.61 13.64 19.66
N PRO E 6 9.37 13.18 19.56
CA PRO E 6 8.96 11.88 20.05
C PRO E 6 9.50 10.66 19.34
N LYS E 7 10.05 9.70 20.08
CA LYS E 7 10.47 8.42 19.51
C LYS E 7 9.18 7.58 19.41
N ILE E 8 9.03 6.76 18.38
CA ILE E 8 7.78 6.05 18.16
C ILE E 8 8.06 4.55 17.96
N GLN E 9 7.31 3.71 18.68
CA GLN E 9 7.42 2.26 18.50
C GLN E 9 6.01 1.67 18.38
N VAL E 10 5.70 0.94 17.31
CA VAL E 10 4.38 0.35 17.12
C VAL E 10 4.52 -1.18 17.15
N TYR E 11 3.74 -1.83 18.03
CA TYR E 11 3.99 -3.23 18.35
C TYR E 11 2.80 -3.90 19.04
N SER E 12 2.84 -5.23 19.13
CA SER E 12 1.75 -5.95 19.80
C SER E 12 2.20 -6.44 21.18
N ARG E 13 1.24 -6.66 22.07
CA ARG E 13 1.48 -7.11 23.43
C ARG E 13 2.08 -8.51 23.45
N HIS E 14 1.46 -9.40 22.69
CA HIS E 14 1.91 -10.76 22.52
C HIS E 14 2.36 -10.96 21.08
N PRO E 15 3.21 -11.95 20.85
CA PRO E 15 3.66 -12.24 19.48
C PRO E 15 2.42 -12.50 18.64
N ALA E 16 2.25 -11.81 17.52
CA ALA E 16 1.11 -11.91 16.64
C ALA E 16 0.85 -13.34 16.16
N GLU E 17 -0.40 -13.74 16.17
CA GLU E 17 -0.85 -15.05 15.70
C GLU E 17 -2.20 -14.84 15.03
N ASN E 18 -2.27 -15.01 13.72
CA ASN E 18 -3.53 -14.79 13.00
C ASN E 18 -4.72 -15.49 13.65
N GLY E 19 -5.81 -14.74 13.82
CA GLY E 19 -7.03 -15.24 14.40
C GLY E 19 -7.14 -15.25 15.92
N LYS E 20 -6.12 -14.82 16.64
CA LYS E 20 -6.07 -14.72 18.08
C LYS E 20 -5.96 -13.27 18.60
N SER E 21 -6.87 -12.97 19.55
CA SER E 21 -6.99 -11.64 20.13
C SER E 21 -5.72 -11.18 20.83
N ASN E 22 -5.48 -9.90 20.85
CA ASN E 22 -4.29 -9.29 21.40
C ASN E 22 -4.49 -7.78 21.55
N PHE E 23 -3.45 -6.99 21.73
CA PHE E 23 -3.53 -5.55 21.88
C PHE E 23 -2.43 -4.94 21.01
N LEU E 24 -2.81 -3.97 20.19
CA LEU E 24 -1.86 -3.22 19.39
C LEU E 24 -1.39 -1.99 20.18
N ASN E 25 -0.09 -1.85 20.39
CA ASN E 25 0.45 -0.69 21.10
C ASN E 25 1.18 0.31 20.20
N CYS E 26 1.16 1.58 20.59
CA CYS E 26 1.95 2.66 20.01
C CYS E 26 2.57 3.41 21.20
N TYR E 27 3.86 3.28 21.40
CA TYR E 27 4.54 3.90 22.53
C TYR E 27 5.23 5.20 22.11
N VAL E 28 4.90 6.34 22.70
CA VAL E 28 5.57 7.59 22.36
C VAL E 28 6.41 8.09 23.52
N SER E 29 7.67 8.45 23.31
CA SER E 29 8.50 8.91 24.42
C SER E 29 9.58 9.91 24.00
N GLY E 30 10.26 10.51 24.98
CA GLY E 30 11.30 11.49 24.80
C GLY E 30 10.88 12.84 24.26
N PHE E 31 9.61 13.20 24.32
CA PHE E 31 9.10 14.42 23.74
C PHE E 31 8.80 15.56 24.71
N HIS E 32 8.85 16.80 24.21
CA HIS E 32 8.53 18.01 24.97
C HIS E 32 8.22 19.15 24.01
N PRO E 33 7.20 19.95 24.27
CA PRO E 33 6.27 19.82 25.37
C PRO E 33 5.24 18.71 25.25
N SER E 34 4.23 18.68 26.12
CA SER E 34 3.32 17.57 26.26
C SER E 34 2.15 17.44 25.30
N ASP E 35 1.63 18.44 24.62
CA ASP E 35 0.57 18.22 23.64
C ASP E 35 1.11 17.34 22.51
N ILE E 36 0.29 16.35 22.15
CA ILE E 36 0.67 15.45 21.07
C ILE E 36 -0.57 14.75 20.53
N GLU E 37 -0.66 14.49 19.24
CA GLU E 37 -1.81 13.75 18.69
C GLU E 37 -1.35 12.35 18.29
N VAL E 38 -2.00 11.32 18.77
CA VAL E 38 -1.61 9.94 18.46
C VAL E 38 -2.78 9.12 17.95
N ASP E 39 -2.70 8.59 16.72
CA ASP E 39 -3.78 7.74 16.23
C ASP E 39 -3.36 6.34 15.83
N LEU E 40 -4.25 5.35 15.99
CA LEU E 40 -3.98 4.01 15.47
C LEU E 40 -4.89 3.80 14.24
N LEU E 41 -4.32 3.25 13.17
CA LEU E 41 -5.04 3.08 11.90
C LEU E 41 -5.14 1.64 11.44
N LYS E 42 -6.26 1.26 10.83
CA LYS E 42 -6.46 -0.08 10.29
C LYS E 42 -6.71 0.04 8.79
N ASN E 43 -5.72 -0.38 7.99
CA ASN E 43 -5.82 -0.23 6.53
C ASN E 43 -6.15 1.20 6.17
N GLY E 44 -5.40 2.17 6.69
CA GLY E 44 -5.61 3.58 6.46
C GLY E 44 -6.63 4.29 7.31
N GLU E 45 -7.60 3.66 7.96
CA GLU E 45 -8.68 4.37 8.66
C GLU E 45 -8.43 4.38 10.17
N ARG E 46 -8.77 5.52 10.78
CA ARG E 46 -8.58 5.74 12.22
C ARG E 46 -9.43 4.85 13.10
N ILE E 47 -8.86 4.06 14.01
CA ILE E 47 -9.64 3.25 14.93
C ILE E 47 -10.27 4.13 16.02
N GLU E 48 -11.49 3.81 16.46
CA GLU E 48 -12.17 4.67 17.42
C GLU E 48 -11.99 4.29 18.88
N LYS E 49 -11.88 2.99 19.18
CA LYS E 49 -11.71 2.60 20.58
C LYS E 49 -10.25 2.59 20.98
N VAL E 50 -9.63 3.76 21.17
CA VAL E 50 -8.21 3.83 21.56
C VAL E 50 -8.04 4.47 22.93
N GLU E 51 -7.29 3.82 23.80
CA GLU E 51 -7.05 4.28 25.16
C GLU E 51 -5.58 4.62 25.32
N HIS E 52 -5.24 5.31 26.40
CA HIS E 52 -3.88 5.69 26.68
C HIS E 52 -3.60 5.76 28.19
N SER E 53 -2.32 5.57 28.52
CA SER E 53 -1.84 5.67 29.86
C SER E 53 -1.88 7.14 30.34
N ASP E 54 -1.60 7.31 31.64
CA ASP E 54 -1.65 8.61 32.27
C ASP E 54 -0.31 9.34 32.05
N LEU E 55 -0.32 10.60 31.63
CA LEU E 55 0.92 11.34 31.44
C LEU E 55 1.95 11.19 32.58
N SER E 56 3.18 10.91 32.21
CA SER E 56 4.31 10.73 33.10
C SER E 56 5.61 11.14 32.40
N PHE E 57 6.73 11.20 33.12
CA PHE E 57 7.99 11.64 32.51
C PHE E 57 9.24 10.99 33.09
N SER E 58 10.33 10.99 32.34
CA SER E 58 11.59 10.35 32.71
C SER E 58 12.46 11.31 33.53
N LYS E 59 13.64 10.87 33.96
CA LYS E 59 14.49 11.72 34.79
C LYS E 59 15.02 12.95 34.07
N ASP E 60 15.04 12.93 32.73
CA ASP E 60 15.52 14.07 31.96
C ASP E 60 14.38 15.03 31.64
N TRP E 61 13.19 14.85 32.22
CA TRP E 61 12.01 15.67 32.12
C TRP E 61 11.15 15.40 30.88
N SER E 62 11.63 14.57 29.94
CA SER E 62 10.86 14.27 28.74
C SER E 62 9.66 13.38 29.01
N PHE E 63 8.61 13.50 28.19
CA PHE E 63 7.38 12.77 28.41
C PHE E 63 7.30 11.40 27.76
N TYR E 64 6.35 10.60 28.25
CA TYR E 64 6.10 9.27 27.61
C TYR E 64 4.65 8.86 27.83
N LEU E 65 4.03 8.25 26.82
CA LEU E 65 2.65 7.79 26.88
C LEU E 65 2.44 6.44 26.17
N LEU E 66 1.49 5.64 26.60
CA LEU E 66 1.15 4.42 25.88
C LEU E 66 -0.26 4.46 25.30
N TYR E 67 -0.42 4.28 23.99
CA TYR E 67 -1.73 4.23 23.35
C TYR E 67 -1.98 2.76 22.96
N TYR E 68 -3.22 2.26 23.12
CA TYR E 68 -3.45 0.86 22.84
C TYR E 68 -4.90 0.55 22.51
N THR E 69 -5.11 -0.53 21.78
CA THR E 69 -6.46 -1.00 21.47
C THR E 69 -6.47 -2.53 21.29
N GLU E 70 -7.59 -3.18 21.57
CA GLU E 70 -7.75 -4.62 21.34
C GLU E 70 -7.82 -4.93 19.85
N PHE E 71 -7.13 -5.97 19.40
CA PHE E 71 -7.21 -6.35 18.00
C PHE E 71 -6.90 -7.85 17.79
N THR E 72 -7.37 -8.34 16.66
CA THR E 72 -7.16 -9.72 16.23
C THR E 72 -6.47 -9.69 14.88
N PRO E 73 -5.17 -9.89 14.86
CA PRO E 73 -4.41 -9.81 13.62
C PRO E 73 -4.87 -10.82 12.59
N THR E 74 -4.62 -10.47 11.34
CA THR E 74 -4.98 -11.28 10.18
C THR E 74 -3.84 -11.26 9.18
N GLU E 75 -3.78 -12.22 8.23
CA GLU E 75 -2.74 -12.20 7.22
C GLU E 75 -2.76 -10.86 6.47
N LYS E 76 -3.92 -10.41 6.02
CA LYS E 76 -4.05 -9.25 5.15
C LYS E 76 -4.09 -7.87 5.80
N ASP E 77 -4.63 -7.75 7.01
CA ASP E 77 -4.80 -6.39 7.54
C ASP E 77 -3.47 -5.73 7.87
N GLU E 78 -3.37 -4.45 7.55
CA GLU E 78 -2.19 -3.64 7.84
C GLU E 78 -2.57 -2.57 8.88
N TYR E 79 -1.66 -2.37 9.84
CA TYR E 79 -1.86 -1.42 10.93
C TYR E 79 -0.72 -0.40 11.00
N ALA E 80 -0.99 0.77 11.58
CA ALA E 80 0.00 1.82 11.70
C ALA E 80 -0.30 2.78 12.85
N CYS E 81 0.72 3.54 13.23
CA CYS E 81 0.60 4.60 14.23
C CYS E 81 0.89 5.95 13.59
N ARG E 82 -0.03 6.92 13.67
CA ARG E 82 0.16 8.25 13.14
C ARG E 82 0.27 9.32 14.24
N VAL E 83 1.41 9.99 14.34
CA VAL E 83 1.69 10.93 15.41
C VAL E 83 1.88 12.35 14.91
N ASN E 84 1.36 13.31 15.68
CA ASN E 84 1.60 14.72 15.38
C ASN E 84 2.10 15.44 16.61
N HIS E 85 3.05 16.34 16.40
CA HIS E 85 3.67 17.10 17.48
C HIS E 85 4.26 18.39 16.97
N VAL E 86 4.52 19.39 17.83
CA VAL E 86 5.10 20.63 17.29
C VAL E 86 6.42 20.48 16.57
N THR E 87 7.28 19.53 16.87
CA THR E 87 8.55 19.29 16.23
C THR E 87 8.47 18.64 14.85
N LEU E 88 7.30 18.33 14.33
CA LEU E 88 7.11 17.65 13.07
C LEU E 88 6.41 18.52 12.04
N SER E 89 6.98 18.65 10.83
CA SER E 89 6.31 19.43 9.81
C SER E 89 5.03 18.74 9.35
N GLN E 90 5.04 17.42 9.24
CA GLN E 90 3.89 16.63 8.86
C GLN E 90 3.66 15.50 9.89
N PRO E 91 2.47 14.95 9.87
CA PRO E 91 2.17 13.77 10.66
C PRO E 91 3.15 12.68 10.25
N LYS E 92 3.85 12.07 11.20
CA LYS E 92 4.76 10.97 10.94
C LYS E 92 3.98 9.66 11.06
N ILE E 93 4.12 8.74 10.12
CA ILE E 93 3.43 7.47 10.13
C ILE E 93 4.37 6.27 10.24
N VAL E 94 4.14 5.40 11.22
CA VAL E 94 4.96 4.21 11.38
C VAL E 94 4.07 2.96 11.24
N LYS E 95 4.47 2.03 10.39
CA LYS E 95 3.77 0.80 10.14
C LYS E 95 4.20 -0.31 11.12
N TRP E 96 3.19 -1.08 11.54
CA TRP E 96 3.44 -2.24 12.37
C TRP E 96 4.07 -3.34 11.52
N ASP E 97 5.14 -3.92 12.04
CA ASP E 97 5.88 -5.04 11.45
C ASP E 97 5.90 -6.09 12.55
N ARG E 98 5.51 -7.34 12.28
CA ARG E 98 5.46 -8.32 13.36
C ARG E 98 6.80 -8.78 13.92
N ASP E 99 7.93 -8.50 13.28
CA ASP E 99 9.23 -8.92 13.83
C ASP E 99 9.94 -7.75 14.47
N MET E 100 9.20 -6.68 14.77
CA MET E 100 9.71 -5.48 15.43
C MET E 100 8.83 -5.00 16.58
N PHE F 1 1.78 7.29 49.53
CA PHE F 1 1.34 8.41 50.43
C PHE F 1 2.06 9.70 50.07
N ALA F 2 1.34 10.68 49.58
CA ALA F 2 1.86 11.98 49.15
C ALA F 2 2.10 12.89 50.33
N PRO F 3 3.07 13.82 50.26
CA PRO F 3 3.37 14.78 51.29
C PRO F 3 2.20 15.74 51.45
N GLY F 4 2.01 16.20 52.68
CA GLY F 4 0.92 17.07 53.02
C GLY F 4 1.36 18.48 53.40
N PHE F 5 2.45 18.96 52.81
CA PHE F 5 2.91 20.32 53.00
C PHE F 5 3.19 20.86 51.59
N PHE F 6 2.62 22.02 51.30
CA PHE F 6 2.52 22.61 49.98
C PHE F 6 3.15 23.99 49.82
N PRO F 7 4.43 24.07 49.52
CA PRO F 7 5.16 25.31 49.36
C PRO F 7 4.94 25.96 48.00
N TYR F 8 5.21 27.26 47.87
CA TYR F 8 5.05 27.99 46.63
C TYR F 8 6.41 28.46 46.10
N LEU F 9 6.57 28.49 44.77
CA LEU F 9 7.85 28.98 44.17
C LEU F 9 7.91 30.50 44.36
#